data_4ZJS
#
_entry.id   4ZJS
#
_cell.length_a   207.604
_cell.length_b   207.604
_cell.length_c   207.604
_cell.angle_alpha   90.00
_cell.angle_beta   90.00
_cell.angle_gamma   90.00
#
_symmetry.space_group_name_H-M   'I 2 3'
#
loop_
_entity.id
_entity.type
_entity.pdbx_description
1 polymer 'Acetylcholine receptor subunit alpha,Soluble acetylcholine receptor,Acetylcholine receptor subunit alpha,Soluble acetylcholine receptor'
2 non-polymer 1-[(1R,6R)-9-azabicyclo[4.2.1]non-2-en-2-yl]ethanone
3 water water
#
_entity_poly.entity_id   1
_entity_poly.type   'polypeptide(L)'
_entity_poly.pdbx_seq_one_letter_code
;DYKDDDDKLSEHETRLVAKLFKDYSSVVRPVEDHRQVVEVTLGFTLQDIVKADSSTNEVDLVYYEQQRWVDYNLKWNPDD
YGGVKKIHIPAADIWTPDITAYSSTRPVQVLSPQIAVVTHDGSVMFIPAQRLSFMCDPTGVDSEEGATCAVKFGSWVYSG
FEIDLKTDTDQVDLSSYYASSKYEILSATQTRQVQHYSCCPEPYIDVNLVVKFRERRAGNGFFRNLFDSR
;
_entity_poly.pdbx_strand_id   A,B,C,D,E
#
# COMPACT_ATOMS: atom_id res chain seq x y z
N GLU A 11 12.91 31.80 3.44
CA GLU A 11 12.23 32.53 2.37
C GLU A 11 12.93 32.32 1.03
N HIS A 12 14.25 32.39 1.02
CA HIS A 12 15.02 32.21 -0.20
C HIS A 12 14.88 30.82 -0.81
N GLU A 13 15.02 29.78 0.01
CA GLU A 13 14.97 28.42 -0.48
C GLU A 13 13.61 28.12 -1.07
N THR A 14 12.55 28.64 -0.42
CA THR A 14 11.19 28.45 -0.91
C THR A 14 11.02 29.08 -2.29
N ARG A 15 11.63 30.25 -2.47
CA ARG A 15 11.57 30.95 -3.75
C ARG A 15 12.40 30.21 -4.80
N LEU A 16 13.57 29.73 -4.41
CA LEU A 16 14.38 28.87 -5.27
C LEU A 16 13.61 27.64 -5.77
N VAL A 17 12.97 26.93 -4.85
CA VAL A 17 12.27 25.69 -5.18
C VAL A 17 11.08 25.97 -6.09
N ALA A 18 10.33 27.01 -5.78
CA ALA A 18 9.21 27.41 -6.61
C ALA A 18 9.68 27.67 -8.04
N LYS A 19 10.77 28.41 -8.18
CA LYS A 19 11.29 28.74 -9.51
C LYS A 19 11.82 27.50 -10.24
N LEU A 20 12.54 26.63 -9.55
CA LEU A 20 13.14 25.48 -10.23
C LEU A 20 12.08 24.52 -10.77
N PHE A 21 10.96 24.38 -10.07
CA PHE A 21 9.97 23.38 -10.45
C PHE A 21 8.71 23.94 -11.08
N LYS A 22 8.75 25.21 -11.49
CA LYS A 22 7.64 25.81 -12.22
C LYS A 22 7.36 25.01 -13.49
N ASP A 23 8.35 24.91 -14.35
CA ASP A 23 8.21 24.15 -15.60
C ASP A 23 9.14 22.93 -15.70
N TYR A 24 9.29 22.21 -14.60
CA TYR A 24 10.16 21.03 -14.54
C TYR A 24 9.38 19.77 -14.88
N SER A 25 10.01 18.88 -15.65
CA SER A 25 9.40 17.60 -15.99
C SER A 25 10.23 16.43 -15.48
N SER A 26 9.66 15.65 -14.57
CA SER A 26 10.31 14.49 -14.00
C SER A 26 10.39 13.33 -15.00
N VAL A 27 9.78 13.52 -16.16
CA VAL A 27 9.66 12.46 -17.14
C VAL A 27 10.68 12.60 -18.30
N VAL A 28 11.44 13.69 -18.29
CA VAL A 28 12.46 13.92 -19.31
C VAL A 28 13.88 13.84 -18.72
N ARG A 29 14.77 13.10 -19.38
CA ARG A 29 16.17 13.00 -18.95
C ARG A 29 16.77 14.40 -18.84
N PRO A 30 17.46 14.66 -17.73
CA PRO A 30 17.93 16.02 -17.42
C PRO A 30 19.19 16.43 -18.18
N VAL A 31 19.11 16.49 -19.51
CA VAL A 31 20.24 16.88 -20.36
C VAL A 31 19.92 18.11 -21.21
N GLU A 32 20.95 18.88 -21.54
CA GLU A 32 20.80 20.07 -22.38
C GLU A 32 20.27 19.70 -23.76
N ASP A 33 20.79 18.61 -24.32
CA ASP A 33 20.26 18.11 -25.57
C ASP A 33 20.19 16.57 -25.52
N HIS A 34 19.11 16.04 -26.08
CA HIS A 34 18.73 14.65 -25.89
C HIS A 34 19.77 13.63 -26.38
N ARG A 35 20.70 14.06 -27.23
CA ARG A 35 21.74 13.15 -27.73
C ARG A 35 22.82 12.92 -26.66
N GLN A 36 22.80 13.73 -25.61
CA GLN A 36 23.75 13.58 -24.52
C GLN A 36 23.34 12.43 -23.60
N VAL A 37 24.32 11.80 -22.96
CA VAL A 37 24.01 10.71 -22.07
C VAL A 37 23.99 11.23 -20.64
N VAL A 38 23.17 10.61 -19.79
CA VAL A 38 23.20 10.88 -18.36
C VAL A 38 24.13 9.87 -17.71
N GLU A 39 25.16 10.34 -17.02
CA GLU A 39 26.08 9.40 -16.40
C GLU A 39 25.75 9.21 -14.92
N VAL A 40 25.42 7.97 -14.56
CA VAL A 40 25.03 7.67 -13.20
C VAL A 40 26.08 6.82 -12.53
N THR A 41 26.59 7.31 -11.42
CA THR A 41 27.54 6.55 -10.62
C THR A 41 26.84 5.77 -9.50
N LEU A 42 27.08 4.46 -9.45
CA LEU A 42 26.46 3.59 -8.44
C LEU A 42 27.48 3.03 -7.47
N GLY A 43 27.08 2.88 -6.22
CA GLY A 43 27.90 2.22 -5.20
C GLY A 43 27.03 1.56 -4.15
N PHE A 44 27.37 0.32 -3.79
CA PHE A 44 26.62 -0.38 -2.77
C PHE A 44 27.32 -0.43 -1.42
N THR A 45 26.53 -0.24 -0.38
CA THR A 45 26.96 -0.47 0.98
C THR A 45 26.08 -1.59 1.54
N LEU A 46 26.67 -2.76 1.66
CA LEU A 46 25.95 -3.93 2.08
C LEU A 46 25.88 -4.04 3.61
N GLN A 47 24.68 -4.16 4.17
CA GLN A 47 24.55 -4.19 5.63
C GLN A 47 24.27 -5.57 6.18
N ASP A 48 23.60 -6.43 5.40
CA ASP A 48 23.15 -7.69 5.98
C ASP A 48 22.57 -8.64 4.95
N ILE A 49 23.00 -9.89 5.04
CA ILE A 49 22.27 -10.96 4.41
C ILE A 49 21.33 -11.53 5.48
N VAL A 50 20.05 -11.21 5.37
CA VAL A 50 19.08 -11.55 6.40
C VAL A 50 18.73 -13.03 6.36
N LYS A 51 18.56 -13.58 5.17
CA LYS A 51 18.34 -15.01 5.06
C LYS A 51 18.56 -15.55 3.67
N ALA A 52 18.96 -16.81 3.62
CA ALA A 52 19.17 -17.52 2.39
C ALA A 52 18.31 -18.78 2.41
N ASP A 53 17.30 -18.80 1.56
CA ASP A 53 16.26 -19.81 1.59
C ASP A 53 16.58 -20.94 0.60
N SER A 54 17.00 -22.08 1.14
CA SER A 54 17.32 -23.25 0.33
C SER A 54 16.12 -23.85 -0.37
N SER A 55 14.92 -23.56 0.09
CA SER A 55 13.75 -24.24 -0.47
C SER A 55 13.21 -23.54 -1.70
N THR A 56 13.56 -22.26 -1.86
CA THR A 56 13.09 -21.48 -3.01
C THR A 56 14.23 -20.88 -3.84
N ASN A 57 15.47 -21.03 -3.33
CA ASN A 57 16.64 -20.35 -3.88
C ASN A 57 16.40 -18.84 -4.06
N GLU A 58 16.09 -18.19 -2.93
CA GLU A 58 16.01 -16.74 -2.81
C GLU A 58 16.91 -16.28 -1.67
N VAL A 59 17.60 -15.16 -1.86
CA VAL A 59 18.34 -14.56 -0.76
C VAL A 59 17.88 -13.13 -0.54
N ASP A 60 17.81 -12.74 0.72
CA ASP A 60 17.39 -11.40 1.11
C ASP A 60 18.59 -10.58 1.57
N LEU A 61 18.81 -9.46 0.89
CA LEU A 61 19.86 -8.51 1.22
C LEU A 61 19.31 -7.18 1.68
N VAL A 62 19.97 -6.60 2.67
CA VAL A 62 19.72 -5.24 3.09
C VAL A 62 20.97 -4.41 2.77
N TYR A 63 20.78 -3.27 2.13
CA TYR A 63 21.89 -2.45 1.65
C TYR A 63 21.40 -1.05 1.41
N TYR A 64 22.32 -0.11 1.23
CA TYR A 64 21.89 1.11 0.58
C TYR A 64 22.78 1.44 -0.60
N GLU A 65 22.17 2.15 -1.54
CA GLU A 65 22.67 2.21 -2.89
C GLU A 65 22.83 3.67 -3.25
N GLN A 66 24.07 4.13 -3.27
CA GLN A 66 24.39 5.49 -3.60
C GLN A 66 24.26 5.73 -5.10
N GLN A 67 23.46 6.71 -5.49
CA GLN A 67 23.37 7.09 -6.90
C GLN A 67 23.73 8.57 -7.05
N ARG A 68 24.57 8.88 -8.05
CA ARG A 68 24.93 10.26 -8.33
C ARG A 68 24.90 10.57 -9.81
N TRP A 69 24.35 11.73 -10.14
CA TRP A 69 24.28 12.22 -11.51
C TRP A 69 24.04 13.72 -11.47
N VAL A 70 24.11 14.35 -12.62
CA VAL A 70 23.90 15.79 -12.72
C VAL A 70 22.58 16.09 -13.41
N ASP A 71 21.80 17.00 -12.83
CA ASP A 71 20.57 17.42 -13.44
C ASP A 71 20.79 18.83 -13.95
N TYR A 72 20.90 18.93 -15.27
CA TYR A 72 21.18 20.17 -15.97
C TYR A 72 20.26 21.31 -15.55
N ASN A 73 18.98 21.00 -15.35
CA ASN A 73 17.99 22.03 -15.04
C ASN A 73 17.82 22.30 -13.55
N LEU A 74 18.76 21.86 -12.73
CA LEU A 74 18.65 22.12 -11.31
C LEU A 74 19.85 22.90 -10.80
N LYS A 75 20.21 23.93 -11.55
CA LYS A 75 21.35 24.79 -11.23
C LYS A 75 20.88 26.18 -10.79
N TRP A 76 21.63 26.80 -9.90
CA TRP A 76 21.31 28.17 -9.50
C TRP A 76 22.56 28.84 -8.94
N ASN A 77 22.50 30.16 -8.81
CA ASN A 77 23.58 30.91 -8.16
C ASN A 77 23.20 31.18 -6.72
N PRO A 78 23.98 30.64 -5.78
CA PRO A 78 23.64 30.81 -4.36
C PRO A 78 23.49 32.29 -4.00
N ASP A 79 24.23 33.15 -4.68
CA ASP A 79 24.20 34.59 -4.40
C ASP A 79 22.82 35.18 -4.65
N ASP A 80 22.11 34.63 -5.63
CA ASP A 80 20.76 35.10 -5.93
C ASP A 80 19.74 34.52 -4.97
N TYR A 81 20.19 33.66 -4.04
CA TYR A 81 19.25 33.00 -3.13
C TYR A 81 19.80 32.88 -1.71
N GLY A 82 20.39 33.96 -1.23
CA GLY A 82 20.83 34.06 0.15
C GLY A 82 21.89 33.08 0.57
N GLY A 83 22.67 32.59 -0.38
CA GLY A 83 23.73 31.65 -0.10
C GLY A 83 23.30 30.18 -0.01
N VAL A 84 22.09 29.88 -0.44
CA VAL A 84 21.59 28.49 -0.39
C VAL A 84 22.42 27.60 -1.32
N LYS A 85 23.08 26.60 -0.75
CA LYS A 85 24.01 25.78 -1.51
C LYS A 85 23.39 24.47 -2.00
N LYS A 86 22.33 24.02 -1.32
CA LYS A 86 21.67 22.78 -1.73
C LYS A 86 20.23 22.71 -1.26
N ILE A 87 19.45 21.86 -1.91
CA ILE A 87 18.07 21.63 -1.53
C ILE A 87 17.82 20.15 -1.33
N HIS A 88 16.71 19.82 -0.69
CA HIS A 88 16.32 18.43 -0.47
C HIS A 88 14.92 18.20 -1.02
N ILE A 89 14.84 17.45 -2.11
CA ILE A 89 13.60 17.23 -2.82
C ILE A 89 13.24 15.75 -2.87
N PRO A 90 11.97 15.40 -2.55
CA PRO A 90 11.52 14.03 -2.76
C PRO A 90 11.93 13.51 -4.13
N ALA A 91 12.45 12.30 -4.19
CA ALA A 91 12.95 11.71 -5.44
C ALA A 91 11.86 11.62 -6.50
N ALA A 92 10.62 11.45 -6.05
CA ALA A 92 9.49 11.32 -6.95
C ALA A 92 9.25 12.58 -7.79
N ASP A 93 9.76 13.72 -7.34
CA ASP A 93 9.50 14.99 -8.05
C ASP A 93 10.59 15.42 -9.03
N ILE A 94 11.73 14.74 -9.02
CA ILE A 94 12.74 14.99 -10.03
C ILE A 94 12.84 13.77 -10.92
N TRP A 95 13.46 13.92 -12.09
CA TRP A 95 13.83 12.73 -12.84
C TRP A 95 14.83 11.92 -12.02
N THR A 96 14.70 10.60 -12.08
CA THR A 96 15.68 9.73 -11.47
C THR A 96 15.94 8.58 -12.42
N PRO A 97 17.15 8.00 -12.34
CA PRO A 97 17.45 6.82 -13.14
C PRO A 97 16.70 5.60 -12.60
N ASP A 98 16.03 4.88 -13.48
CA ASP A 98 15.20 3.74 -13.09
C ASP A 98 16.03 2.49 -12.84
N ILE A 99 17.03 2.60 -11.97
CA ILE A 99 17.93 1.47 -11.70
C ILE A 99 17.19 0.32 -11.04
N THR A 100 17.28 -0.85 -11.65
CA THR A 100 16.44 -1.97 -11.26
C THR A 100 17.24 -3.24 -11.20
N ALA A 101 17.01 -4.04 -10.16
CA ALA A 101 17.54 -5.40 -10.15
C ALA A 101 16.86 -6.22 -11.23
N TYR A 102 17.63 -7.03 -11.95
CA TYR A 102 17.12 -7.79 -13.08
C TYR A 102 16.61 -9.18 -12.69
N SER A 103 16.92 -9.63 -11.48
CA SER A 103 16.50 -10.95 -11.05
C SER A 103 15.93 -10.98 -9.63
N SER A 104 15.25 -9.91 -9.24
CA SER A 104 14.54 -9.90 -7.97
C SER A 104 13.35 -10.86 -8.04
N THR A 105 12.91 -11.36 -6.88
CA THR A 105 11.73 -12.23 -6.84
C THR A 105 10.57 -11.60 -6.09
N ARG A 106 10.78 -10.42 -5.52
CA ARG A 106 9.75 -9.66 -4.80
C ARG A 106 9.98 -8.19 -5.06
N PRO A 107 8.92 -7.37 -4.93
CA PRO A 107 9.20 -5.94 -5.00
C PRO A 107 10.22 -5.49 -3.92
N VAL A 108 11.13 -4.61 -4.31
CA VAL A 108 12.09 -4.05 -3.37
C VAL A 108 11.35 -3.36 -2.24
N GLN A 109 11.78 -3.57 -1.00
CA GLN A 109 11.22 -2.79 0.09
C GLN A 109 12.11 -1.60 0.44
N VAL A 110 11.48 -0.44 0.58
CA VAL A 110 12.15 0.82 0.83
C VAL A 110 12.32 1.01 2.31
N LEU A 111 13.55 1.24 2.75
CA LEU A 111 13.87 1.32 4.18
C LEU A 111 14.28 2.72 4.61
N SER A 112 14.33 3.65 3.67
CA SER A 112 14.68 5.02 4.00
C SER A 112 13.74 6.00 3.31
N PRO A 113 13.67 7.23 3.81
CA PRO A 113 13.02 8.32 3.09
C PRO A 113 13.54 8.40 1.65
N GLN A 114 12.65 8.74 0.72
CA GLN A 114 13.04 8.86 -0.67
C GLN A 114 13.34 10.32 -0.96
N ILE A 115 14.50 10.79 -0.50
CA ILE A 115 14.81 12.20 -0.65
C ILE A 115 16.15 12.35 -1.32
N ALA A 116 16.15 13.10 -2.40
CA ALA A 116 17.37 13.41 -3.11
C ALA A 116 17.97 14.71 -2.61
N VAL A 117 19.30 14.79 -2.58
CA VAL A 117 20.02 16.03 -2.27
C VAL A 117 20.59 16.65 -3.56
N VAL A 118 20.20 17.90 -3.82
CA VAL A 118 20.65 18.57 -5.04
C VAL A 118 21.48 19.81 -4.73
N THR A 119 22.70 19.81 -5.24
CA THR A 119 23.61 20.93 -5.06
C THR A 119 23.41 21.98 -6.15
N HIS A 120 23.85 23.20 -5.89
CA HIS A 120 23.59 24.35 -6.77
C HIS A 120 24.18 24.18 -8.18
N ASP A 121 25.13 23.26 -8.34
CA ASP A 121 25.70 22.99 -9.66
C ASP A 121 24.97 21.85 -10.37
N GLY A 122 23.85 21.42 -9.79
CA GLY A 122 23.03 20.39 -10.41
C GLY A 122 23.33 18.95 -10.02
N SER A 123 24.38 18.73 -9.23
CA SER A 123 24.73 17.35 -8.86
C SER A 123 23.71 16.81 -7.86
N VAL A 124 23.22 15.62 -8.17
CA VAL A 124 22.18 14.96 -7.39
C VAL A 124 22.79 13.76 -6.68
N MET A 125 22.49 13.63 -5.39
CA MET A 125 22.87 12.44 -4.64
C MET A 125 21.61 11.84 -4.02
N PHE A 126 21.39 10.56 -4.29
CA PHE A 126 20.18 9.89 -3.84
C PHE A 126 20.61 8.53 -3.39
N ILE A 127 20.34 8.21 -2.13
CA ILE A 127 20.88 6.99 -1.55
C ILE A 127 19.78 6.18 -0.88
N PRO A 128 18.95 5.48 -1.68
CA PRO A 128 17.90 4.65 -1.09
C PRO A 128 18.43 3.42 -0.36
N ALA A 129 17.91 3.19 0.85
CA ALA A 129 18.12 1.95 1.57
C ALA A 129 17.00 0.97 1.23
N GLN A 130 17.38 -0.27 0.96
CA GLN A 130 16.46 -1.25 0.40
C GLN A 130 16.67 -2.63 0.99
N ARG A 131 15.61 -3.43 0.97
CA ARG A 131 15.75 -4.86 1.15
C ARG A 131 15.28 -5.57 -0.12
N LEU A 132 16.12 -6.47 -0.62
CA LEU A 132 15.91 -7.13 -1.88
C LEU A 132 15.97 -8.65 -1.77
N SER A 133 14.94 -9.33 -2.26
CA SER A 133 15.00 -10.78 -2.53
C SER A 133 15.30 -11.02 -3.99
N PHE A 134 16.31 -11.82 -4.26
CA PHE A 134 16.68 -12.14 -5.63
C PHE A 134 17.09 -13.59 -5.77
N MET A 135 17.17 -14.05 -7.01
CA MET A 135 17.43 -15.46 -7.29
C MET A 135 18.85 -15.86 -6.94
N CYS A 136 18.98 -16.81 -6.02
CA CYS A 136 20.28 -17.19 -5.49
C CYS A 136 20.22 -18.57 -4.86
N ASP A 137 21.17 -19.42 -5.25
CA ASP A 137 21.28 -20.79 -4.77
C ASP A 137 22.34 -20.84 -3.68
N PRO A 138 21.92 -21.04 -2.43
CA PRO A 138 22.74 -20.99 -1.21
C PRO A 138 23.62 -22.21 -1.05
N THR A 139 23.63 -23.09 -2.03
CA THR A 139 24.37 -24.33 -1.96
C THR A 139 25.84 -24.09 -1.66
N GLY A 140 26.34 -24.75 -0.62
CA GLY A 140 27.74 -24.59 -0.23
C GLY A 140 27.93 -23.51 0.80
N VAL A 141 26.84 -22.87 1.20
CA VAL A 141 26.91 -21.76 2.14
C VAL A 141 27.37 -22.27 3.50
N ASP A 142 27.16 -23.56 3.75
CA ASP A 142 27.55 -24.17 5.01
C ASP A 142 28.91 -24.85 4.92
N SER A 143 29.66 -24.53 3.88
CA SER A 143 31.02 -25.03 3.74
C SER A 143 31.98 -23.86 3.87
N GLU A 144 33.28 -24.14 3.83
CA GLU A 144 34.28 -23.10 4.02
C GLU A 144 34.45 -22.27 2.75
N GLU A 145 34.23 -22.89 1.60
CA GLU A 145 34.34 -22.17 0.33
C GLU A 145 33.16 -21.21 0.21
N GLY A 146 32.05 -21.55 0.85
CA GLY A 146 30.87 -20.72 0.86
C GLY A 146 30.07 -20.79 -0.42
N ALA A 147 29.05 -19.95 -0.52
CA ALA A 147 28.23 -19.86 -1.73
C ALA A 147 28.49 -18.55 -2.47
N THR A 148 28.16 -18.53 -3.76
CA THR A 148 28.33 -17.35 -4.59
C THR A 148 27.03 -17.01 -5.32
N CYS A 149 26.60 -15.76 -5.26
CA CYS A 149 25.43 -15.34 -6.02
C CYS A 149 25.63 -13.98 -6.65
N ALA A 150 24.76 -13.63 -7.59
CA ALA A 150 24.96 -12.44 -8.39
C ALA A 150 23.64 -11.86 -8.86
N VAL A 151 23.58 -10.55 -8.92
CA VAL A 151 22.41 -9.89 -9.46
C VAL A 151 22.85 -8.62 -10.17
N LYS A 152 22.35 -8.45 -11.40
CA LYS A 152 22.61 -7.27 -12.21
C LYS A 152 21.64 -6.14 -11.88
N PHE A 153 22.19 -4.93 -11.75
CA PHE A 153 21.38 -3.73 -11.63
C PHE A 153 21.56 -2.89 -12.88
N GLY A 154 20.45 -2.37 -13.41
CA GLY A 154 20.52 -1.42 -14.50
C GLY A 154 19.21 -0.72 -14.78
N SER A 155 19.24 0.22 -15.72
CA SER A 155 18.04 0.85 -16.25
C SER A 155 17.07 -0.18 -16.78
N TRP A 156 15.78 0.03 -16.54
CA TRP A 156 14.76 -0.83 -17.12
C TRP A 156 14.38 -0.38 -18.53
N VAL A 157 14.31 0.93 -18.77
CA VAL A 157 13.81 1.44 -20.06
C VAL A 157 14.79 2.30 -20.85
N TYR A 158 15.98 2.57 -20.32
CA TYR A 158 16.94 3.41 -21.04
C TYR A 158 18.14 2.63 -21.56
N SER A 159 18.57 2.94 -22.78
CA SER A 159 19.75 2.32 -23.36
C SER A 159 21.03 2.91 -22.78
N GLY A 160 22.16 2.31 -23.13
CA GLY A 160 23.47 2.83 -22.79
C GLY A 160 23.78 4.21 -23.36
N PHE A 161 23.05 4.65 -24.39
CA PHE A 161 23.26 6.00 -24.92
C PHE A 161 22.43 7.05 -24.19
N GLU A 162 21.59 6.60 -23.26
CA GLU A 162 20.68 7.48 -22.54
C GLU A 162 21.10 7.55 -21.08
N ILE A 163 21.40 6.39 -20.51
CA ILE A 163 21.97 6.29 -19.19
C ILE A 163 23.20 5.43 -19.28
N ASP A 164 24.33 5.94 -18.81
CA ASP A 164 25.53 5.14 -18.67
C ASP A 164 25.75 4.92 -17.17
N LEU A 165 26.30 3.78 -16.82
CA LEU A 165 26.57 3.44 -15.42
C LEU A 165 28.06 3.39 -15.13
N LYS A 166 28.45 3.93 -13.98
CA LYS A 166 29.84 3.80 -13.50
C LYS A 166 29.88 3.40 -12.03
N THR A 167 30.96 2.74 -11.62
CA THR A 167 31.30 2.59 -10.21
C THR A 167 32.62 3.32 -9.93
N ASP A 168 32.72 3.93 -8.75
CA ASP A 168 33.98 4.52 -8.32
C ASP A 168 35.02 3.43 -8.07
N THR A 169 34.56 2.29 -7.60
CA THR A 169 35.44 1.15 -7.36
C THR A 169 34.63 -0.12 -7.51
N ASP A 170 35.30 -1.23 -7.80
CA ASP A 170 34.63 -2.52 -7.95
C ASP A 170 34.51 -3.24 -6.62
N GLN A 171 35.11 -2.67 -5.59
CA GLN A 171 35.03 -3.25 -4.26
C GLN A 171 33.80 -2.70 -3.55
N VAL A 172 32.85 -3.57 -3.23
CA VAL A 172 31.66 -3.14 -2.53
C VAL A 172 32.03 -2.64 -1.13
N ASP A 173 31.32 -1.63 -0.63
CA ASP A 173 31.57 -1.19 0.74
C ASP A 173 30.98 -2.18 1.74
N LEU A 174 31.85 -2.87 2.46
CA LEU A 174 31.48 -3.90 3.41
C LEU A 174 31.79 -3.49 4.84
N SER A 175 32.27 -2.27 5.01
CA SER A 175 32.76 -1.82 6.30
C SER A 175 31.65 -1.55 7.29
N SER A 176 30.42 -1.57 6.81
CA SER A 176 29.22 -1.37 7.64
C SER A 176 28.42 -2.65 7.79
N TYR A 177 29.00 -3.78 7.39
CA TYR A 177 28.26 -5.03 7.38
C TYR A 177 27.94 -5.45 8.82
N TYR A 178 26.76 -5.99 9.04
CA TYR A 178 26.32 -6.34 10.39
C TYR A 178 27.14 -7.50 10.93
N ALA A 179 27.87 -7.24 12.02
CA ALA A 179 28.88 -8.17 12.53
C ALA A 179 28.30 -9.45 13.09
N SER A 180 27.04 -9.43 13.50
CA SER A 180 26.41 -10.62 14.07
C SER A 180 25.33 -11.17 13.15
N SER A 181 25.52 -10.98 11.86
CA SER A 181 24.66 -11.58 10.85
C SER A 181 24.78 -13.10 10.92
N LYS A 182 23.77 -13.82 10.49
CA LYS A 182 23.87 -15.27 10.36
C LYS A 182 24.85 -15.61 9.24
N TYR A 183 25.19 -14.64 8.40
CA TYR A 183 26.09 -14.90 7.28
C TYR A 183 27.29 -13.95 7.24
N GLU A 184 28.48 -14.54 7.09
CA GLU A 184 29.69 -13.76 6.85
C GLU A 184 29.80 -13.47 5.36
N ILE A 185 30.31 -12.29 5.02
CA ILE A 185 30.62 -11.95 3.62
C ILE A 185 32.07 -12.22 3.33
N LEU A 186 32.34 -13.13 2.39
CA LEU A 186 33.70 -13.46 1.99
C LEU A 186 34.24 -12.41 1.04
N SER A 187 33.40 -11.98 0.10
CA SER A 187 33.75 -10.87 -0.76
C SER A 187 32.53 -10.39 -1.53
N ALA A 188 32.58 -9.16 -2.00
CA ALA A 188 31.52 -8.59 -2.80
C ALA A 188 32.10 -7.59 -3.79
N THR A 189 31.82 -7.79 -5.06
CA THR A 189 32.24 -6.86 -6.10
C THR A 189 31.03 -6.20 -6.78
N GLN A 190 31.24 -4.99 -7.28
CA GLN A 190 30.26 -4.28 -8.06
C GLN A 190 30.94 -3.86 -9.38
N THR A 191 30.65 -4.61 -10.44
CA THR A 191 31.39 -4.49 -11.71
C THR A 191 30.52 -4.05 -12.89
N ARG A 192 30.86 -2.91 -13.47
CA ARG A 192 30.23 -2.43 -14.70
C ARG A 192 30.43 -3.42 -15.84
N GLN A 193 29.34 -3.76 -16.53
CA GLN A 193 29.37 -4.65 -17.70
C GLN A 193 28.72 -3.94 -18.88
N VAL A 194 29.33 -4.06 -20.05
CA VAL A 194 28.73 -3.55 -21.28
C VAL A 194 28.25 -4.73 -22.13
N GLN A 195 26.97 -4.70 -22.52
CA GLN A 195 26.33 -5.79 -23.24
C GLN A 195 25.90 -5.38 -24.65
N HIS A 196 26.17 -6.25 -25.62
CA HIS A 196 25.68 -6.02 -26.98
C HIS A 196 24.68 -7.09 -27.41
N TYR A 197 23.45 -6.66 -27.66
CA TYR A 197 22.40 -7.55 -28.11
C TYR A 197 22.09 -7.26 -29.59
N SER A 198 21.85 -8.31 -30.36
CA SER A 198 21.57 -8.16 -31.79
C SER A 198 20.39 -7.20 -31.99
N CYS A 199 19.44 -7.25 -31.06
CA CYS A 199 18.24 -6.43 -31.11
C CYS A 199 18.54 -4.95 -31.30
N CYS A 200 19.69 -4.52 -30.81
CA CYS A 200 19.95 -3.09 -30.70
C CYS A 200 21.40 -2.72 -31.03
N PRO A 201 21.57 -1.64 -31.80
CA PRO A 201 22.91 -1.13 -32.10
C PRO A 201 23.55 -0.56 -30.84
N GLU A 202 22.73 0.04 -29.98
CA GLU A 202 23.24 0.69 -28.79
C GLU A 202 23.65 -0.32 -27.72
N PRO A 203 24.68 0.00 -26.94
CA PRO A 203 25.09 -0.89 -25.85
C PRO A 203 24.10 -0.86 -24.69
N TYR A 204 24.03 -1.94 -23.94
CA TYR A 204 23.24 -1.94 -22.72
C TYR A 204 24.14 -2.18 -21.53
N ILE A 205 23.92 -1.41 -20.49
CA ILE A 205 24.88 -1.32 -19.40
C ILE A 205 24.26 -1.68 -18.05
N ASP A 206 24.95 -2.53 -17.31
CA ASP A 206 24.51 -2.90 -15.98
C ASP A 206 25.69 -2.94 -15.00
N VAL A 207 25.37 -2.93 -13.72
CA VAL A 207 26.39 -3.19 -12.71
C VAL A 207 26.07 -4.54 -12.06
N ASN A 208 27.06 -5.42 -12.08
CA ASN A 208 26.92 -6.78 -11.56
C ASN A 208 27.38 -6.88 -10.11
N LEU A 209 26.43 -7.12 -9.22
CA LEU A 209 26.74 -7.31 -7.81
C LEU A 209 26.96 -8.78 -7.56
N VAL A 210 28.20 -9.15 -7.22
CA VAL A 210 28.55 -10.54 -6.92
C VAL A 210 28.94 -10.68 -5.45
N VAL A 211 28.28 -11.59 -4.74
CA VAL A 211 28.55 -11.79 -3.32
C VAL A 211 28.95 -13.23 -3.03
N LYS A 212 30.11 -13.42 -2.40
CA LYS A 212 30.48 -14.73 -1.87
C LYS A 212 30.29 -14.72 -0.35
N PHE A 213 29.57 -15.70 0.17
CA PHE A 213 29.16 -15.67 1.58
C PHE A 213 28.98 -17.07 2.15
N ARG A 214 28.92 -17.16 3.48
CA ARG A 214 28.74 -18.42 4.17
C ARG A 214 28.21 -18.24 5.60
N GLU A 215 27.66 -19.31 6.16
CA GLU A 215 27.17 -19.26 7.54
C GLU A 215 28.32 -18.95 8.48
N ARG A 216 28.09 -18.05 9.43
CA ARG A 216 29.13 -17.62 10.35
C ARG A 216 29.60 -18.74 11.24
N GLU B 11 -11.51 10.51 -30.62
CA GLU B 11 -11.94 11.90 -30.59
C GLU B 11 -13.34 12.05 -30.00
N HIS B 12 -14.31 11.31 -30.53
CA HIS B 12 -15.67 11.34 -30.00
C HIS B 12 -15.72 10.86 -28.54
N GLU B 13 -15.12 9.70 -28.30
CA GLU B 13 -15.17 9.10 -26.99
C GLU B 13 -14.57 10.02 -25.94
N THR B 14 -13.40 10.58 -26.27
CA THR B 14 -12.75 11.55 -25.39
C THR B 14 -13.70 12.68 -25.08
N ARG B 15 -14.36 13.18 -26.12
CA ARG B 15 -15.30 14.27 -25.97
C ARG B 15 -16.47 13.89 -25.05
N LEU B 16 -17.05 12.72 -25.30
CA LEU B 16 -18.14 12.19 -24.48
C LEU B 16 -17.74 12.07 -23.01
N VAL B 17 -16.58 11.48 -22.76
CA VAL B 17 -16.13 11.27 -21.39
C VAL B 17 -15.94 12.58 -20.64
N ALA B 18 -15.41 13.58 -21.33
CA ALA B 18 -15.21 14.88 -20.73
C ALA B 18 -16.56 15.50 -20.34
N LYS B 19 -17.54 15.39 -21.22
CA LYS B 19 -18.87 15.90 -20.93
C LYS B 19 -19.55 15.13 -19.79
N LEU B 20 -19.47 13.80 -19.84
CA LEU B 20 -20.11 12.99 -18.81
C LEU B 20 -19.62 13.35 -17.40
N PHE B 21 -18.32 13.62 -17.29
CA PHE B 21 -17.73 13.76 -15.97
C PHE B 21 -17.41 15.18 -15.50
N LYS B 22 -17.75 16.20 -16.29
CA LYS B 22 -17.45 17.58 -15.90
C LYS B 22 -18.03 17.93 -14.52
N ASP B 23 -19.30 17.57 -14.30
CA ASP B 23 -19.94 17.87 -13.03
C ASP B 23 -20.40 16.60 -12.28
N TYR B 24 -19.84 15.46 -12.63
CA TYR B 24 -20.21 14.19 -12.00
C TYR B 24 -19.65 14.06 -10.59
N SER B 25 -20.47 13.56 -9.67
CA SER B 25 -20.00 13.29 -8.32
C SER B 25 -20.07 11.81 -7.97
N SER B 26 -18.95 11.21 -7.59
CA SER B 26 -18.93 9.79 -7.25
C SER B 26 -19.48 9.50 -5.84
N VAL B 27 -19.82 10.53 -5.08
CA VAL B 27 -20.34 10.29 -3.74
C VAL B 27 -21.86 10.45 -3.68
N VAL B 28 -22.49 10.62 -4.83
CA VAL B 28 -23.93 10.80 -4.89
C VAL B 28 -24.60 9.65 -5.62
N ARG B 29 -25.58 9.00 -4.99
CA ARG B 29 -26.25 7.86 -5.61
C ARG B 29 -26.83 8.29 -6.96
N PRO B 30 -26.55 7.51 -8.00
CA PRO B 30 -26.85 7.91 -9.38
C PRO B 30 -28.31 7.73 -9.74
N VAL B 31 -29.20 8.36 -8.99
CA VAL B 31 -30.62 8.34 -9.32
C VAL B 31 -31.11 9.76 -9.61
N GLU B 32 -32.16 9.86 -10.42
CA GLU B 32 -32.77 11.13 -10.76
C GLU B 32 -33.40 11.80 -9.54
N ASP B 33 -34.23 11.03 -8.84
CA ASP B 33 -34.89 11.46 -7.60
C ASP B 33 -34.25 10.74 -6.41
N HIS B 34 -33.90 11.47 -5.37
CA HIS B 34 -33.19 10.86 -4.24
C HIS B 34 -34.05 9.83 -3.49
N ARG B 35 -35.37 9.88 -3.72
CA ARG B 35 -36.29 8.93 -3.10
C ARG B 35 -36.23 7.56 -3.78
N GLN B 36 -35.63 7.51 -4.97
CA GLN B 36 -35.52 6.27 -5.74
C GLN B 36 -34.44 5.35 -5.20
N VAL B 37 -34.64 4.05 -5.35
CA VAL B 37 -33.63 3.08 -4.95
C VAL B 37 -32.76 2.74 -6.16
N VAL B 38 -31.48 2.48 -5.89
CA VAL B 38 -30.57 1.89 -6.89
C VAL B 38 -30.60 0.38 -6.78
N GLU B 39 -31.00 -0.31 -7.83
CA GLU B 39 -31.08 -1.76 -7.76
C GLU B 39 -29.85 -2.38 -8.37
N VAL B 40 -29.17 -3.17 -7.55
CA VAL B 40 -27.92 -3.81 -7.89
C VAL B 40 -28.11 -5.30 -8.00
N THR B 41 -27.82 -5.87 -9.15
CA THR B 41 -27.81 -7.32 -9.29
C THR B 41 -26.42 -7.87 -9.02
N LEU B 42 -26.37 -8.92 -8.19
CA LEU B 42 -25.13 -9.59 -7.83
C LEU B 42 -25.15 -11.07 -8.21
N GLY B 43 -24.00 -11.60 -8.60
CA GLY B 43 -23.86 -13.03 -8.80
C GLY B 43 -22.40 -13.42 -8.60
N PHE B 44 -22.16 -14.55 -7.92
CA PHE B 44 -20.79 -14.99 -7.70
C PHE B 44 -20.39 -16.13 -8.63
N THR B 45 -19.11 -16.11 -9.01
CA THR B 45 -18.46 -17.16 -9.77
C THR B 45 -17.27 -17.64 -8.95
N LEU B 46 -17.41 -18.78 -8.27
CA LEU B 46 -16.35 -19.29 -7.42
C LEU B 46 -15.25 -19.98 -8.21
N GLN B 47 -14.00 -19.61 -7.94
CA GLN B 47 -12.88 -20.20 -8.65
C GLN B 47 -12.09 -21.19 -7.81
N ASP B 48 -11.86 -20.89 -6.56
CA ASP B 48 -10.96 -21.74 -5.77
C ASP B 48 -11.11 -21.55 -4.26
N ILE B 49 -11.23 -22.64 -3.53
CA ILE B 49 -11.00 -22.59 -2.11
C ILE B 49 -9.52 -22.90 -1.93
N VAL B 50 -8.75 -21.88 -1.59
CA VAL B 50 -7.31 -22.01 -1.54
C VAL B 50 -6.87 -22.71 -0.27
N LYS B 51 -7.44 -22.29 0.86
CA LYS B 51 -6.97 -22.71 2.15
C LYS B 51 -8.12 -22.74 3.15
N ALA B 52 -8.10 -23.72 4.05
CA ALA B 52 -9.02 -23.73 5.17
C ALA B 52 -8.22 -23.99 6.44
N ASP B 53 -8.24 -23.02 7.35
CA ASP B 53 -7.38 -23.03 8.53
C ASP B 53 -8.19 -23.39 9.76
N SER B 54 -7.99 -24.60 10.29
CA SER B 54 -8.79 -25.07 11.43
C SER B 54 -8.24 -24.60 12.77
N SER B 55 -7.09 -23.93 12.78
CA SER B 55 -6.61 -23.40 14.05
C SER B 55 -7.14 -21.98 14.30
N THR B 56 -7.68 -21.32 13.28
CA THR B 56 -8.25 -19.97 13.44
C THR B 56 -9.68 -19.88 12.90
N ASN B 57 -10.13 -20.93 12.22
CA ASN B 57 -11.43 -20.94 11.58
C ASN B 57 -11.59 -19.78 10.62
N GLU B 58 -10.68 -19.72 9.66
CA GLU B 58 -10.76 -18.84 8.50
C GLU B 58 -10.60 -19.67 7.23
N VAL B 59 -11.37 -19.34 6.20
CA VAL B 59 -11.19 -19.96 4.90
C VAL B 59 -10.91 -18.88 3.86
N ASP B 60 -10.07 -19.22 2.88
CA ASP B 60 -9.65 -18.29 1.82
C ASP B 60 -10.28 -18.67 0.48
N LEU B 61 -11.08 -17.77 -0.07
CA LEU B 61 -11.85 -18.03 -1.27
C LEU B 61 -11.47 -17.09 -2.38
N VAL B 62 -11.31 -17.62 -3.59
CA VAL B 62 -11.08 -16.81 -4.77
C VAL B 62 -12.28 -16.91 -5.71
N TYR B 63 -12.74 -15.78 -6.22
CA TYR B 63 -13.99 -15.73 -6.96
C TYR B 63 -14.05 -14.41 -7.70
N TYR B 64 -14.98 -14.29 -8.64
CA TYR B 64 -15.33 -12.93 -9.04
C TYR B 64 -16.81 -12.68 -8.90
N GLU B 65 -17.13 -11.40 -8.82
CA GLU B 65 -18.43 -10.96 -8.36
C GLU B 65 -18.99 -9.98 -9.34
N GLN B 66 -20.02 -10.39 -10.06
CA GLN B 66 -20.66 -9.54 -11.05
C GLN B 66 -21.62 -8.58 -10.39
N GLN B 67 -21.42 -7.29 -10.64
CA GLN B 67 -22.35 -6.28 -10.17
C GLN B 67 -22.91 -5.52 -11.38
N ARG B 68 -24.21 -5.30 -11.38
CA ARG B 68 -24.89 -4.53 -12.42
C ARG B 68 -25.88 -3.53 -11.83
N TRP B 69 -25.79 -2.28 -12.26
CA TRP B 69 -26.83 -1.32 -11.90
C TRP B 69 -26.93 -0.30 -13.02
N VAL B 70 -27.82 0.65 -12.85
CA VAL B 70 -27.96 1.73 -13.82
C VAL B 70 -27.53 3.04 -13.19
N ASP B 71 -26.70 3.80 -13.89
CA ASP B 71 -26.30 5.13 -13.45
C ASP B 71 -27.06 6.15 -14.29
N TYR B 72 -27.90 6.93 -13.63
CA TYR B 72 -28.80 7.85 -14.30
C TYR B 72 -28.04 8.90 -15.11
N ASN B 73 -26.85 9.26 -14.65
CA ASN B 73 -26.14 10.38 -15.22
C ASN B 73 -25.13 9.99 -16.30
N LEU B 74 -25.02 8.70 -16.59
CA LEU B 74 -24.05 8.26 -17.60
C LEU B 74 -24.79 7.74 -18.85
N LYS B 75 -25.74 8.53 -19.32
CA LYS B 75 -26.48 8.19 -20.54
C LYS B 75 -26.09 9.14 -21.66
N TRP B 76 -26.16 8.67 -22.89
CA TRP B 76 -25.90 9.53 -24.03
C TRP B 76 -26.49 8.91 -25.29
N ASN B 77 -26.62 9.72 -26.33
CA ASN B 77 -27.03 9.21 -27.63
C ASN B 77 -25.80 8.91 -28.47
N PRO B 78 -25.62 7.65 -28.87
CA PRO B 78 -24.47 7.24 -29.69
C PRO B 78 -24.38 8.04 -30.99
N ASP B 79 -25.52 8.48 -31.49
CA ASP B 79 -25.56 9.29 -32.71
C ASP B 79 -24.88 10.62 -32.48
N ASP B 80 -24.91 11.12 -31.24
CA ASP B 80 -24.27 12.39 -30.93
C ASP B 80 -22.76 12.25 -30.77
N TYR B 81 -22.25 11.02 -30.84
CA TYR B 81 -20.86 10.76 -30.48
C TYR B 81 -20.21 9.67 -31.32
N GLY B 82 -20.39 9.76 -32.63
CA GLY B 82 -19.70 8.89 -33.56
C GLY B 82 -20.10 7.43 -33.49
N GLY B 83 -21.18 7.15 -32.77
CA GLY B 83 -21.64 5.79 -32.61
C GLY B 83 -21.03 5.04 -31.43
N VAL B 84 -20.37 5.77 -30.54
CA VAL B 84 -19.84 5.15 -29.32
C VAL B 84 -20.97 4.60 -28.45
N LYS B 85 -20.92 3.31 -28.14
CA LYS B 85 -21.99 2.68 -27.36
C LYS B 85 -21.57 2.28 -25.94
N LYS B 86 -20.26 2.24 -25.69
CA LYS B 86 -19.69 1.82 -24.40
C LYS B 86 -18.48 2.66 -24.04
N ILE B 87 -18.34 2.94 -22.75
CA ILE B 87 -17.11 3.50 -22.24
C ILE B 87 -16.58 2.61 -21.12
N HIS B 88 -15.30 2.78 -20.80
CA HIS B 88 -14.63 1.98 -19.79
C HIS B 88 -13.95 2.89 -18.79
N ILE B 89 -14.47 2.91 -17.57
CA ILE B 89 -14.06 3.88 -16.56
C ILE B 89 -13.61 3.21 -15.27
N PRO B 90 -12.45 3.63 -14.72
CA PRO B 90 -12.01 3.13 -13.42
C PRO B 90 -13.13 3.22 -12.39
N ALA B 91 -13.37 2.13 -11.67
CA ALA B 91 -14.46 2.07 -10.71
C ALA B 91 -14.42 3.25 -9.74
N ALA B 92 -13.20 3.68 -9.41
CA ALA B 92 -13.01 4.74 -8.44
C ALA B 92 -13.52 6.11 -8.94
N ASP B 93 -13.73 6.25 -10.25
CA ASP B 93 -14.19 7.54 -10.76
C ASP B 93 -15.70 7.63 -10.93
N ILE B 94 -16.43 6.54 -10.73
CA ILE B 94 -17.90 6.60 -10.72
C ILE B 94 -18.48 6.24 -9.36
N TRP B 95 -19.77 6.52 -9.17
CA TRP B 95 -20.41 5.97 -7.98
C TRP B 95 -20.49 4.45 -8.15
N THR B 96 -20.19 3.73 -7.08
CA THR B 96 -20.29 2.27 -7.03
C THR B 96 -20.99 1.88 -5.74
N PRO B 97 -21.71 0.75 -5.74
CA PRO B 97 -22.27 0.31 -4.47
C PRO B 97 -21.16 -0.21 -3.59
N ASP B 98 -21.21 0.08 -2.30
CA ASP B 98 -20.14 -0.31 -1.40
C ASP B 98 -20.35 -1.72 -0.89
N ILE B 99 -20.41 -2.69 -1.81
CA ILE B 99 -20.69 -4.06 -1.45
C ILE B 99 -19.53 -4.63 -0.62
N THR B 100 -19.86 -5.19 0.54
CA THR B 100 -18.85 -5.55 1.53
C THR B 100 -19.15 -6.92 2.15
N ALA B 101 -18.12 -7.74 2.32
CA ALA B 101 -18.30 -8.98 3.06
C ALA B 101 -18.42 -8.67 4.54
N TYR B 102 -19.47 -9.17 5.17
CA TYR B 102 -19.77 -8.78 6.55
C TYR B 102 -18.95 -9.53 7.59
N SER B 103 -18.33 -10.64 7.22
CA SER B 103 -17.59 -11.44 8.18
C SER B 103 -16.20 -11.82 7.70
N SER B 104 -15.57 -10.90 6.94
CA SER B 104 -14.19 -11.06 6.51
C SER B 104 -13.26 -10.90 7.71
N THR B 105 -12.07 -11.48 7.65
CA THR B 105 -11.09 -11.39 8.74
C THR B 105 -9.78 -10.74 8.29
N ARG B 106 -9.69 -10.43 7.00
CA ARG B 106 -8.57 -9.72 6.42
C ARG B 106 -9.12 -8.78 5.36
N PRO B 107 -8.44 -7.66 5.09
CA PRO B 107 -8.92 -6.81 3.98
C PRO B 107 -8.95 -7.64 2.70
N VAL B 108 -10.01 -7.50 1.92
CA VAL B 108 -10.18 -8.28 0.71
C VAL B 108 -9.07 -7.89 -0.28
N GLN B 109 -8.51 -8.87 -0.98
CA GLN B 109 -7.50 -8.54 -2.01
C GLN B 109 -8.11 -8.51 -3.40
N VAL B 110 -7.73 -7.49 -4.16
CA VAL B 110 -8.28 -7.28 -5.49
C VAL B 110 -7.38 -7.96 -6.51
N LEU B 111 -7.94 -8.87 -7.29
CA LEU B 111 -7.11 -9.67 -8.19
C LEU B 111 -7.30 -9.21 -9.64
N SER B 112 -8.11 -8.19 -9.85
CA SER B 112 -8.37 -7.73 -11.21
C SER B 112 -8.35 -6.21 -11.33
N PRO B 113 -8.11 -5.69 -12.53
CA PRO B 113 -8.28 -4.26 -12.82
C PRO B 113 -9.65 -3.78 -12.34
N GLN B 114 -9.73 -2.55 -11.81
CA GLN B 114 -10.98 -2.06 -11.29
C GLN B 114 -11.62 -1.11 -12.26
N ILE B 115 -12.21 -1.67 -13.31
CA ILE B 115 -12.73 -0.90 -14.41
C ILE B 115 -14.18 -1.26 -14.66
N ALA B 116 -15.06 -0.27 -14.68
CA ALA B 116 -16.46 -0.53 -14.94
C ALA B 116 -16.76 -0.31 -16.41
N VAL B 117 -17.64 -1.14 -16.95
CA VAL B 117 -18.12 -0.97 -18.31
C VAL B 117 -19.51 -0.35 -18.30
N VAL B 118 -19.63 0.84 -18.90
CA VAL B 118 -20.88 1.59 -18.92
C VAL B 118 -21.43 1.74 -20.33
N THR B 119 -22.68 1.32 -20.52
CA THR B 119 -23.36 1.42 -21.80
C THR B 119 -24.14 2.73 -21.91
N HIS B 120 -24.45 3.14 -23.15
CA HIS B 120 -25.05 4.46 -23.41
C HIS B 120 -26.40 4.65 -22.73
N ASP B 121 -27.05 3.57 -22.32
CA ASP B 121 -28.30 3.69 -21.57
C ASP B 121 -28.04 3.79 -20.07
N GLY B 122 -26.78 3.92 -19.70
CA GLY B 122 -26.40 4.05 -18.31
C GLY B 122 -26.24 2.75 -17.54
N SER B 123 -26.32 1.60 -18.20
CA SER B 123 -26.17 0.36 -17.46
C SER B 123 -24.69 0.10 -17.20
N VAL B 124 -24.37 -0.22 -15.96
CA VAL B 124 -22.98 -0.42 -15.56
C VAL B 124 -22.75 -1.88 -15.27
N MET B 125 -21.63 -2.40 -15.74
CA MET B 125 -21.21 -3.73 -15.36
C MET B 125 -19.82 -3.66 -14.74
N PHE B 126 -19.68 -4.22 -13.54
CA PHE B 126 -18.41 -4.16 -12.83
C PHE B 126 -18.20 -5.52 -12.21
N ILE B 127 -17.08 -6.16 -12.52
CA ILE B 127 -16.85 -7.53 -12.11
C ILE B 127 -15.48 -7.70 -11.42
N PRO B 128 -15.33 -7.17 -10.21
CA PRO B 128 -14.08 -7.36 -9.48
C PRO B 128 -13.80 -8.83 -9.14
N ALA B 129 -12.58 -9.29 -9.46
CA ALA B 129 -12.07 -10.54 -8.93
C ALA B 129 -11.36 -10.33 -7.59
N GLN B 130 -11.52 -11.27 -6.66
CA GLN B 130 -11.14 -11.03 -5.27
C GLN B 130 -10.67 -12.30 -4.55
N ARG B 131 -9.75 -12.12 -3.60
CA ARG B 131 -9.48 -13.15 -2.61
C ARG B 131 -9.92 -12.70 -1.22
N LEU B 132 -10.80 -13.49 -0.62
CA LEU B 132 -11.42 -13.18 0.67
C LEU B 132 -11.11 -14.23 1.74
N SER B 133 -10.57 -13.79 2.88
CA SER B 133 -10.58 -14.61 4.10
C SER B 133 -11.81 -14.27 4.93
N PHE B 134 -12.58 -15.28 5.28
CA PHE B 134 -13.74 -15.03 6.11
C PHE B 134 -13.93 -16.11 7.18
N MET B 135 -14.75 -15.79 8.16
CA MET B 135 -14.94 -16.66 9.31
C MET B 135 -15.64 -17.97 8.89
N CYS B 136 -15.00 -19.11 9.17
CA CYS B 136 -15.47 -20.38 8.66
C CYS B 136 -14.84 -21.54 9.40
N ASP B 137 -15.70 -22.37 9.99
CA ASP B 137 -15.27 -23.55 10.72
C ASP B 137 -15.25 -24.73 9.77
N PRO B 138 -14.06 -25.21 9.40
CA PRO B 138 -13.99 -26.31 8.43
C PRO B 138 -14.26 -27.69 9.04
N THR B 139 -14.68 -27.76 10.30
CA THR B 139 -14.90 -29.06 10.92
C THR B 139 -15.80 -29.88 10.00
N GLY B 140 -15.37 -31.10 9.69
CA GLY B 140 -16.12 -32.00 8.83
C GLY B 140 -15.63 -32.03 7.38
N VAL B 141 -14.66 -31.19 7.07
CA VAL B 141 -14.20 -31.04 5.69
C VAL B 141 -13.50 -32.34 5.26
N ASP B 142 -12.98 -33.09 6.23
CA ASP B 142 -12.35 -34.37 5.96
C ASP B 142 -13.33 -35.53 6.11
N SER B 143 -14.60 -35.28 5.85
CA SER B 143 -15.60 -36.35 5.84
C SER B 143 -16.41 -36.25 4.56
N GLU B 144 -17.28 -37.23 4.33
CA GLU B 144 -18.12 -37.25 3.13
C GLU B 144 -19.20 -36.18 3.14
N GLU B 145 -19.66 -35.77 4.31
CA GLU B 145 -20.66 -34.70 4.39
C GLU B 145 -20.03 -33.33 4.14
N GLY B 146 -18.73 -33.26 4.37
CA GLY B 146 -17.99 -32.02 4.21
C GLY B 146 -18.38 -30.95 5.22
N ALA B 147 -17.99 -29.71 4.95
CA ALA B 147 -18.28 -28.61 5.85
C ALA B 147 -19.12 -27.56 5.15
N THR B 148 -19.82 -26.74 5.93
CA THR B 148 -20.63 -25.69 5.35
C THR B 148 -20.31 -24.36 6.02
N CYS B 149 -20.05 -23.34 5.22
CA CYS B 149 -19.84 -22.00 5.73
C CYS B 149 -20.63 -20.98 4.92
N ALA B 150 -20.81 -19.79 5.48
CA ALA B 150 -21.56 -18.74 4.83
C ALA B 150 -20.98 -17.36 5.12
N VAL B 151 -21.14 -16.46 4.17
CA VAL B 151 -20.77 -15.07 4.39
C VAL B 151 -21.74 -14.15 3.64
N LYS B 152 -22.17 -13.08 4.30
CA LYS B 152 -23.11 -12.10 3.76
C LYS B 152 -22.41 -10.97 3.02
N PHE B 153 -22.95 -10.59 1.87
CA PHE B 153 -22.42 -9.47 1.11
C PHE B 153 -23.48 -8.40 0.98
N GLY B 154 -23.15 -7.17 1.35
CA GLY B 154 -24.10 -6.08 1.22
C GLY B 154 -23.47 -4.71 1.37
N SER B 155 -24.26 -3.69 1.06
CA SER B 155 -23.82 -2.31 1.28
C SER B 155 -23.44 -2.12 2.73
N TRP B 156 -22.38 -1.36 2.98
CA TRP B 156 -21.98 -1.07 4.35
C TRP B 156 -22.78 0.12 4.90
N VAL B 157 -23.01 1.14 4.08
CA VAL B 157 -23.59 2.40 4.57
C VAL B 157 -24.94 2.76 3.95
N TYR B 158 -25.40 2.01 2.97
CA TYR B 158 -26.68 2.33 2.34
C TYR B 158 -27.76 1.32 2.72
N SER B 159 -28.91 1.82 3.14
CA SER B 159 -30.05 0.99 3.52
C SER B 159 -30.80 0.48 2.31
N GLY B 160 -31.77 -0.39 2.55
CA GLY B 160 -32.62 -0.93 1.50
C GLY B 160 -33.47 0.13 0.81
N PHE B 161 -33.56 1.31 1.42
CA PHE B 161 -34.24 2.42 0.76
C PHE B 161 -33.30 3.12 -0.22
N GLU B 162 -32.02 2.78 -0.20
CA GLU B 162 -31.07 3.47 -1.07
C GLU B 162 -30.40 2.52 -2.05
N ILE B 163 -30.08 1.31 -1.58
CA ILE B 163 -29.53 0.25 -2.41
C ILE B 163 -30.28 -1.04 -2.16
N ASP B 164 -30.90 -1.60 -3.19
CA ASP B 164 -31.48 -2.93 -3.09
C ASP B 164 -30.58 -3.91 -3.86
N LEU B 165 -30.64 -5.18 -3.48
CA LEU B 165 -29.89 -6.23 -4.15
C LEU B 165 -30.85 -7.24 -4.74
N LYS B 166 -30.45 -7.82 -5.86
CA LYS B 166 -31.16 -8.92 -6.47
C LYS B 166 -30.14 -9.93 -7.00
N THR B 167 -30.56 -11.18 -7.10
CA THR B 167 -29.81 -12.14 -7.88
C THR B 167 -30.67 -12.64 -9.05
N ASP B 168 -30.02 -13.15 -10.09
CA ASP B 168 -30.72 -13.78 -11.21
C ASP B 168 -31.08 -15.21 -10.86
N THR B 169 -30.24 -15.84 -10.06
CA THR B 169 -30.48 -17.20 -9.62
C THR B 169 -29.85 -17.38 -8.25
N ASP B 170 -30.39 -18.31 -7.46
CA ASP B 170 -29.82 -18.70 -6.18
C ASP B 170 -28.62 -19.62 -6.35
N GLN B 171 -28.47 -20.14 -7.56
CA GLN B 171 -27.42 -21.12 -7.81
C GLN B 171 -26.15 -20.39 -8.20
N VAL B 172 -25.11 -20.61 -7.41
CA VAL B 172 -23.84 -19.96 -7.65
C VAL B 172 -23.18 -20.59 -8.88
N ASP B 173 -22.50 -19.78 -9.68
CA ASP B 173 -21.81 -20.33 -10.85
C ASP B 173 -20.54 -21.04 -10.42
N LEU B 174 -20.52 -22.35 -10.60
CA LEU B 174 -19.39 -23.21 -10.25
C LEU B 174 -18.67 -23.76 -11.47
N SER B 175 -19.04 -23.29 -12.65
CA SER B 175 -18.55 -23.91 -13.88
C SER B 175 -17.10 -23.56 -14.19
N SER B 176 -16.55 -22.60 -13.45
CA SER B 176 -15.16 -22.20 -13.59
C SER B 176 -14.34 -22.57 -12.36
N TYR B 177 -14.85 -23.45 -11.52
CA TYR B 177 -14.15 -23.79 -10.30
C TYR B 177 -12.91 -24.64 -10.62
N TYR B 178 -11.79 -24.34 -9.95
CA TYR B 178 -10.53 -25.02 -10.23
C TYR B 178 -10.60 -26.50 -9.88
N ALA B 179 -10.48 -27.34 -10.89
CA ALA B 179 -10.73 -28.77 -10.74
C ALA B 179 -9.63 -29.50 -10.00
N SER B 180 -8.49 -28.86 -9.77
CA SER B 180 -7.46 -29.50 -8.97
C SER B 180 -7.21 -28.73 -7.66
N SER B 181 -8.28 -28.12 -7.15
CA SER B 181 -8.22 -27.47 -5.85
C SER B 181 -8.02 -28.53 -4.79
N LYS B 182 -7.39 -28.18 -3.68
CA LYS B 182 -7.35 -29.05 -2.52
C LYS B 182 -8.76 -29.36 -1.99
N TYR B 183 -9.72 -28.49 -2.29
CA TYR B 183 -11.09 -28.68 -1.84
C TYR B 183 -12.07 -28.74 -3.00
N GLU B 184 -13.06 -29.61 -2.91
CA GLU B 184 -14.13 -29.57 -3.90
C GLU B 184 -15.38 -28.94 -3.29
N ILE B 185 -16.16 -28.29 -4.13
CA ILE B 185 -17.42 -27.69 -3.74
C ILE B 185 -18.59 -28.62 -4.01
N LEU B 186 -19.29 -29.03 -2.96
CA LEU B 186 -20.50 -29.85 -3.10
C LEU B 186 -21.70 -29.05 -3.59
N SER B 187 -21.85 -27.83 -3.09
CA SER B 187 -22.93 -26.94 -3.51
C SER B 187 -22.63 -25.53 -3.04
N ALA B 188 -23.21 -24.54 -3.72
CA ALA B 188 -23.06 -23.15 -3.32
C ALA B 188 -24.29 -22.39 -3.72
N THR B 189 -24.84 -21.63 -2.77
CA THR B 189 -26.03 -20.85 -3.05
C THR B 189 -25.82 -19.36 -2.74
N GLN B 190 -26.60 -18.51 -3.37
CA GLN B 190 -26.51 -17.06 -3.14
C GLN B 190 -27.92 -16.54 -2.97
N THR B 191 -28.24 -16.07 -1.77
CA THR B 191 -29.64 -15.82 -1.38
C THR B 191 -29.85 -14.44 -0.80
N ARG B 192 -30.75 -13.67 -1.40
CA ARG B 192 -31.11 -12.35 -0.91
C ARG B 192 -31.71 -12.42 0.49
N GLN B 193 -31.33 -11.49 1.36
CA GLN B 193 -31.90 -11.38 2.72
C GLN B 193 -32.06 -9.93 3.14
N VAL B 194 -32.83 -9.69 4.20
CA VAL B 194 -33.05 -8.35 4.74
C VAL B 194 -32.70 -8.36 6.22
N GLN B 195 -31.82 -7.46 6.64
CA GLN B 195 -31.35 -7.40 8.02
C GLN B 195 -31.80 -6.09 8.68
N HIS B 196 -31.85 -6.10 10.01
CA HIS B 196 -32.15 -4.89 10.78
C HIS B 196 -31.10 -4.78 11.85
N TYR B 197 -30.63 -3.57 12.10
CA TYR B 197 -29.60 -3.33 13.10
C TYR B 197 -30.13 -2.35 14.13
N SER B 198 -29.55 -2.38 15.33
CA SER B 198 -29.95 -1.46 16.40
C SER B 198 -29.47 -0.04 16.13
N CYS B 199 -28.32 0.09 15.47
CA CYS B 199 -27.72 1.39 15.20
C CYS B 199 -28.60 2.29 14.32
N CYS B 200 -29.37 1.66 13.45
CA CYS B 200 -30.01 2.37 12.35
C CYS B 200 -31.43 1.85 12.15
N PRO B 201 -32.38 2.77 11.95
CA PRO B 201 -33.82 2.48 11.88
C PRO B 201 -34.29 1.81 10.58
N GLU B 202 -33.41 1.69 9.59
CA GLU B 202 -33.80 1.20 8.28
C GLU B 202 -33.23 -0.19 7.98
N PRO B 203 -33.94 -0.96 7.17
CA PRO B 203 -33.50 -2.30 6.79
C PRO B 203 -32.30 -2.24 5.86
N TYR B 204 -31.46 -3.27 5.88
CA TYR B 204 -30.31 -3.37 5.00
C TYR B 204 -30.37 -4.69 4.25
N ILE B 205 -29.95 -4.68 2.98
CA ILE B 205 -30.07 -5.87 2.15
C ILE B 205 -28.73 -6.55 1.99
N ASP B 206 -28.73 -7.88 2.00
CA ASP B 206 -27.51 -8.61 1.76
C ASP B 206 -27.79 -9.82 0.86
N VAL B 207 -26.73 -10.38 0.30
CA VAL B 207 -26.82 -11.65 -0.39
C VAL B 207 -25.93 -12.59 0.37
N ASN B 208 -26.50 -13.70 0.82
CA ASN B 208 -25.81 -14.67 1.64
C ASN B 208 -25.21 -15.78 0.80
N LEU B 209 -23.89 -15.90 0.85
CA LEU B 209 -23.19 -16.93 0.10
C LEU B 209 -22.94 -18.13 0.99
N VAL B 210 -23.51 -19.28 0.61
CA VAL B 210 -23.39 -20.49 1.40
C VAL B 210 -22.66 -21.56 0.62
N VAL B 211 -21.57 -22.05 1.20
CA VAL B 211 -20.69 -22.98 0.51
C VAL B 211 -20.51 -24.25 1.31
N LYS B 212 -20.84 -25.37 0.70
CA LYS B 212 -20.57 -26.66 1.28
C LYS B 212 -19.38 -27.27 0.54
N PHE B 213 -18.37 -27.71 1.27
CA PHE B 213 -17.15 -28.16 0.63
C PHE B 213 -16.45 -29.23 1.44
N ARG B 214 -15.51 -29.91 0.81
CA ARG B 214 -14.71 -30.92 1.50
C ARG B 214 -13.38 -31.19 0.78
N GLU B 215 -12.44 -31.78 1.51
CA GLU B 215 -11.17 -32.22 0.94
C GLU B 215 -11.38 -33.15 -0.23
N ARG B 216 -10.62 -32.96 -1.31
CA ARG B 216 -10.79 -33.77 -2.52
C ARG B 216 -10.35 -35.22 -2.31
N GLU C 11 -29.57 16.20 -8.51
CA GLU C 11 -28.74 17.39 -8.65
C GLU C 11 -28.64 18.16 -7.36
N HIS C 12 -29.69 18.09 -6.55
CA HIS C 12 -29.69 18.75 -5.26
C HIS C 12 -28.53 18.29 -4.39
N GLU C 13 -28.33 16.97 -4.32
CA GLU C 13 -27.31 16.43 -3.44
C GLU C 13 -25.94 16.89 -3.90
N THR C 14 -25.71 16.83 -5.21
CA THR C 14 -24.44 17.24 -5.79
C THR C 14 -24.14 18.69 -5.43
N ARG C 15 -25.18 19.53 -5.46
CA ARG C 15 -25.06 20.94 -5.13
C ARG C 15 -24.83 21.14 -3.63
N LEU C 16 -25.48 20.32 -2.82
CA LEU C 16 -25.27 20.34 -1.39
C LEU C 16 -23.81 20.02 -1.04
N VAL C 17 -23.29 18.94 -1.60
CA VAL C 17 -21.94 18.50 -1.25
C VAL C 17 -20.89 19.55 -1.60
N ALA C 18 -20.99 20.11 -2.81
CA ALA C 18 -20.06 21.14 -3.26
C ALA C 18 -20.09 22.34 -2.34
N LYS C 19 -21.28 22.73 -1.93
CA LYS C 19 -21.43 23.88 -1.04
C LYS C 19 -20.87 23.60 0.35
N LEU C 20 -21.23 22.45 0.91
CA LEU C 20 -20.72 22.06 2.22
C LEU C 20 -19.20 22.03 2.28
N PHE C 21 -18.58 21.54 1.22
CA PHE C 21 -17.15 21.31 1.26
C PHE C 21 -16.31 22.38 0.57
N LYS C 22 -16.95 23.48 0.16
CA LYS C 22 -16.21 24.53 -0.54
C LYS C 22 -15.12 25.14 0.33
N ASP C 23 -15.47 25.52 1.56
CA ASP C 23 -14.47 26.07 2.47
C ASP C 23 -14.29 25.21 3.74
N TYR C 24 -14.58 23.92 3.64
CA TYR C 24 -14.48 23.01 4.79
C TYR C 24 -13.03 22.59 5.07
N SER C 25 -12.68 22.50 6.34
CA SER C 25 -11.36 21.98 6.72
C SER C 25 -11.44 20.73 7.58
N SER C 26 -10.76 19.67 7.16
CA SER C 26 -10.80 18.42 7.88
C SER C 26 -9.76 18.35 9.00
N VAL C 27 -8.91 19.37 9.14
CA VAL C 27 -7.95 19.39 10.24
C VAL C 27 -8.44 20.22 11.42
N VAL C 28 -9.64 20.79 11.32
CA VAL C 28 -10.15 21.62 12.41
C VAL C 28 -11.30 20.95 13.15
N ARG C 29 -11.19 20.83 14.47
CA ARG C 29 -12.28 20.25 15.26
C ARG C 29 -13.56 21.02 14.98
N PRO C 30 -14.61 20.30 14.56
CA PRO C 30 -15.83 20.90 14.03
C PRO C 30 -16.76 21.46 15.11
N VAL C 31 -16.25 22.36 15.95
CA VAL C 31 -17.05 23.09 16.92
C VAL C 31 -17.16 24.57 16.56
N GLU C 32 -18.26 25.19 16.97
CA GLU C 32 -18.48 26.60 16.68
C GLU C 32 -17.44 27.47 17.40
N ASP C 33 -17.31 27.24 18.71
CA ASP C 33 -16.32 27.92 19.52
C ASP C 33 -15.26 26.91 19.92
N HIS C 34 -13.99 27.26 19.76
CA HIS C 34 -12.89 26.30 19.94
C HIS C 34 -12.70 25.85 21.39
N ARG C 35 -13.30 26.55 22.34
CA ARG C 35 -13.22 26.17 23.75
C ARG C 35 -14.14 24.99 24.03
N GLN C 36 -15.05 24.72 23.12
CA GLN C 36 -15.99 23.61 23.26
C GLN C 36 -15.29 22.28 23.02
N VAL C 37 -15.78 21.24 23.67
CA VAL C 37 -15.30 19.89 23.45
C VAL C 37 -16.11 19.23 22.35
N VAL C 38 -15.47 18.36 21.57
CA VAL C 38 -16.22 17.47 20.69
C VAL C 38 -16.53 16.19 21.45
N GLU C 39 -17.81 15.86 21.56
CA GLU C 39 -18.19 14.67 22.28
C GLU C 39 -18.41 13.51 21.34
N VAL C 40 -17.65 12.45 21.56
CA VAL C 40 -17.65 11.28 20.68
C VAL C 40 -18.19 10.07 21.43
N THR C 41 -19.27 9.50 20.94
CA THR C 41 -19.80 8.26 21.49
C THR C 41 -19.23 7.06 20.74
N LEU C 42 -18.81 6.08 21.52
CA LEU C 42 -18.02 4.98 21.03
C LEU C 42 -18.71 3.68 21.44
N GLY C 43 -18.80 2.71 20.54
CA GLY C 43 -19.35 1.41 20.86
C GLY C 43 -18.73 0.30 20.02
N PHE C 44 -18.45 -0.83 20.64
CA PHE C 44 -17.89 -1.96 19.93
C PHE C 44 -18.89 -3.07 19.71
N THR C 45 -18.84 -3.65 18.52
CA THR C 45 -19.54 -4.89 18.21
C THR C 45 -18.49 -5.92 17.93
N LEU C 46 -18.30 -6.88 18.83
CA LEU C 46 -17.24 -7.85 18.67
C LEU C 46 -17.74 -9.05 17.86
N GLN C 47 -17.06 -9.31 16.74
CA GLN C 47 -17.43 -10.36 15.81
C GLN C 47 -16.64 -11.64 16.00
N ASP C 48 -15.37 -11.53 16.33
CA ASP C 48 -14.54 -12.72 16.39
C ASP C 48 -13.23 -12.50 17.13
N ILE C 49 -12.85 -13.48 17.94
CA ILE C 49 -11.47 -13.61 18.36
C ILE C 49 -10.86 -14.64 17.42
N VAL C 50 -9.98 -14.20 16.54
CA VAL C 50 -9.52 -15.07 15.48
C VAL C 50 -8.41 -15.99 15.98
N LYS C 51 -7.60 -15.49 16.89
CA LYS C 51 -6.31 -16.11 17.16
C LYS C 51 -5.77 -15.56 18.46
N ALA C 52 -5.27 -16.43 19.33
CA ALA C 52 -4.58 -16.01 20.54
C ALA C 52 -3.20 -16.64 20.58
N ASP C 53 -2.18 -15.86 20.31
CA ASP C 53 -0.84 -16.39 20.09
C ASP C 53 -0.02 -16.24 21.37
N SER C 54 0.14 -17.35 22.06
CA SER C 54 0.84 -17.37 23.32
C SER C 54 2.35 -17.37 23.13
N SER C 55 2.83 -17.53 21.90
CA SER C 55 4.27 -17.44 21.68
C SER C 55 4.75 -15.99 21.60
N THR C 56 3.85 -15.06 21.29
CA THR C 56 4.18 -13.63 21.18
C THR C 56 3.28 -12.74 22.05
N ASN C 57 2.31 -13.36 22.70
CA ASN C 57 1.30 -12.64 23.45
C ASN C 57 0.62 -11.53 22.63
N GLU C 58 0.18 -11.91 21.44
CA GLU C 58 -0.70 -11.10 20.62
C GLU C 58 -2.04 -11.79 20.45
N VAL C 59 -3.12 -11.05 20.62
CA VAL C 59 -4.44 -11.58 20.31
C VAL C 59 -5.07 -10.76 19.20
N ASP C 60 -5.78 -11.45 18.31
CA ASP C 60 -6.38 -10.85 17.12
C ASP C 60 -7.91 -10.77 17.22
N LEU C 61 -8.44 -9.55 17.19
CA LEU C 61 -9.89 -9.32 17.23
C LEU C 61 -10.42 -8.77 15.91
N VAL C 62 -11.63 -9.20 15.58
CA VAL C 62 -12.38 -8.58 14.49
C VAL C 62 -13.67 -7.99 15.08
N TYR C 63 -13.88 -6.71 14.84
CA TYR C 63 -15.01 -6.00 15.42
C TYR C 63 -15.37 -4.87 14.50
N TYR C 64 -16.52 -4.25 14.72
CA TYR C 64 -16.65 -2.91 14.20
C TYR C 64 -16.96 -1.92 15.28
N GLU C 65 -16.60 -0.68 15.02
CA GLU C 65 -16.49 0.34 16.03
C GLU C 65 -17.36 1.53 15.65
N GLN C 66 -18.52 1.64 16.27
CA GLN C 66 -19.43 2.73 15.98
C GLN C 66 -18.95 4.02 16.64
N GLN C 67 -18.81 5.06 15.84
CA GLN C 67 -18.39 6.37 16.31
C GLN C 67 -19.45 7.41 15.96
N ARG C 68 -19.90 8.20 16.93
CA ARG C 68 -20.86 9.27 16.64
C ARG C 68 -20.44 10.59 17.26
N TRP C 69 -20.55 11.67 16.48
CA TRP C 69 -20.31 13.03 16.98
C TRP C 69 -21.11 14.00 16.13
N VAL C 70 -21.08 15.28 16.47
CA VAL C 70 -21.77 16.28 15.68
C VAL C 70 -20.75 17.20 15.01
N ASP C 71 -20.94 17.46 13.71
CA ASP C 71 -20.10 18.39 13.00
C ASP C 71 -20.90 19.67 12.71
N TYR C 72 -20.50 20.74 13.40
CA TYR C 72 -21.17 22.01 13.34
C TYR C 72 -21.33 22.57 11.92
N ASN C 73 -20.36 22.31 11.06
CA ASN C 73 -20.35 22.91 9.73
C ASN C 73 -20.94 22.04 8.65
N LEU C 74 -21.50 20.90 9.04
CA LEU C 74 -22.11 20.01 8.08
C LEU C 74 -23.61 19.94 8.34
N LYS C 75 -24.24 21.11 8.43
CA LYS C 75 -25.68 21.22 8.63
C LYS C 75 -26.35 21.88 7.43
N TRP C 76 -27.60 21.52 7.18
CA TRP C 76 -28.35 22.13 6.08
C TRP C 76 -29.85 21.94 6.28
N ASN C 77 -30.64 22.79 5.63
CA ASN C 77 -32.08 22.63 5.62
C ASN C 77 -32.48 21.80 4.42
N PRO C 78 -33.05 20.62 4.67
CA PRO C 78 -33.43 19.70 3.58
C PRO C 78 -34.37 20.35 2.58
N ASP C 79 -35.14 21.35 3.02
CA ASP C 79 -36.09 22.05 2.14
C ASP C 79 -35.35 22.70 0.99
N ASP C 80 -34.14 23.19 1.29
CA ASP C 80 -33.37 23.92 0.31
C ASP C 80 -32.72 22.98 -0.69
N TYR C 81 -32.82 21.67 -0.47
CA TYR C 81 -32.15 20.71 -1.34
C TYR C 81 -32.98 19.47 -1.64
N GLY C 82 -34.23 19.67 -2.03
CA GLY C 82 -35.04 18.57 -2.52
C GLY C 82 -35.40 17.52 -1.50
N GLY C 83 -35.26 17.85 -0.22
CA GLY C 83 -35.59 16.93 0.84
C GLY C 83 -34.45 15.99 1.23
N VAL C 84 -33.26 16.21 0.69
CA VAL C 84 -32.09 15.42 1.04
C VAL C 84 -31.79 15.55 2.54
N LYS C 85 -31.78 14.44 3.24
CA LYS C 85 -31.62 14.45 4.70
C LYS C 85 -30.29 13.84 5.17
N LYS C 86 -29.69 13.01 4.32
CA LYS C 86 -28.39 12.38 4.59
C LYS C 86 -27.45 12.53 3.43
N ILE C 87 -26.20 12.56 3.55
CA ILE C 87 -25.13 12.36 2.59
C ILE C 87 -24.15 11.31 3.09
N HIS C 88 -23.42 10.82 2.17
CA HIS C 88 -22.47 9.76 2.43
C HIS C 88 -21.10 10.20 1.92
N ILE C 89 -20.20 10.50 2.85
CA ILE C 89 -18.92 11.08 2.52
C ILE C 89 -17.77 10.21 3.02
N PRO C 90 -16.72 10.05 2.19
CA PRO C 90 -15.50 9.38 2.63
C PRO C 90 -14.97 10.02 3.91
N ALA C 91 -14.66 9.19 4.91
CA ALA C 91 -14.17 9.67 6.19
C ALA C 91 -12.94 10.56 6.05
N ALA C 92 -12.13 10.30 5.02
CA ALA C 92 -10.95 11.12 4.77
C ALA C 92 -11.27 12.59 4.48
N ASP C 93 -12.47 12.89 3.96
CA ASP C 93 -12.79 14.28 3.59
C ASP C 93 -13.38 15.10 4.73
N ILE C 94 -13.74 14.47 5.83
CA ILE C 94 -14.23 15.23 6.96
C ILE C 94 -13.29 15.13 8.12
N TRP C 95 -13.48 15.99 9.12
CA TRP C 95 -12.78 15.80 10.39
C TRP C 95 -13.31 14.50 11.00
N THR C 96 -12.40 13.68 11.51
CA THR C 96 -12.77 12.48 12.25
C THR C 96 -12.01 12.45 13.56
N PRO C 97 -12.57 11.79 14.58
CA PRO C 97 -11.72 11.65 15.77
C PRO C 97 -10.63 10.62 15.51
N ASP C 98 -9.42 10.88 15.99
CA ASP C 98 -8.30 9.98 15.77
C ASP C 98 -8.26 8.86 16.83
N ILE C 99 -9.35 8.11 16.94
CA ILE C 99 -9.42 7.06 17.94
C ILE C 99 -8.44 5.93 17.65
N THR C 100 -7.55 5.64 18.60
CA THR C 100 -6.49 4.67 18.38
C THR C 100 -6.36 3.64 19.51
N ALA C 101 -6.07 2.39 19.15
CA ALA C 101 -5.70 1.40 20.15
C ALA C 101 -4.33 1.76 20.76
N TYR C 102 -4.22 1.72 22.09
CA TYR C 102 -2.98 2.15 22.74
C TYR C 102 -1.98 1.03 22.91
N SER C 103 -2.36 -0.21 22.62
CA SER C 103 -1.38 -1.29 22.74
C SER C 103 -1.46 -2.29 21.57
N SER C 104 -1.74 -1.78 20.38
CA SER C 104 -1.67 -2.58 19.17
C SER C 104 -0.23 -3.01 18.91
N THR C 105 -0.05 -4.10 18.17
CA THR C 105 1.28 -4.54 17.76
C THR C 105 1.47 -4.59 16.24
N ARG C 106 0.39 -4.33 15.51
CA ARG C 106 0.40 -4.23 14.05
C ARG C 106 -0.55 -3.09 13.66
N PRO C 107 -0.39 -2.53 12.44
CA PRO C 107 -1.37 -1.52 11.98
C PRO C 107 -2.78 -2.12 11.94
N VAL C 108 -3.78 -1.40 12.43
CA VAL C 108 -5.14 -1.93 12.33
C VAL C 108 -5.47 -2.18 10.85
N GLN C 109 -6.10 -3.30 10.54
CA GLN C 109 -6.54 -3.51 9.17
C GLN C 109 -8.01 -3.15 8.99
N VAL C 110 -8.28 -2.40 7.94
CA VAL C 110 -9.63 -1.93 7.69
C VAL C 110 -10.41 -2.93 6.83
N LEU C 111 -11.61 -3.26 7.26
CA LEU C 111 -12.37 -4.31 6.61
C LEU C 111 -13.63 -3.77 5.96
N SER C 112 -13.90 -2.48 6.11
CA SER C 112 -15.09 -1.89 5.50
C SER C 112 -14.73 -0.64 4.72
N PRO C 113 -15.62 -0.24 3.82
CA PRO C 113 -15.44 1.06 3.14
C PRO C 113 -15.39 2.18 4.18
N GLN C 114 -14.49 3.12 4.03
CA GLN C 114 -14.37 4.20 5.00
C GLN C 114 -15.30 5.35 4.65
N ILE C 115 -16.59 5.16 4.83
CA ILE C 115 -17.56 6.17 4.48
C ILE C 115 -18.37 6.58 5.70
N ALA C 116 -18.47 7.87 5.95
CA ALA C 116 -19.28 8.37 7.04
C ALA C 116 -20.64 8.82 6.52
N VAL C 117 -21.66 8.66 7.37
CA VAL C 117 -23.02 9.08 7.07
C VAL C 117 -23.32 10.33 7.88
N VAL C 118 -23.56 11.44 7.18
CA VAL C 118 -23.84 12.70 7.86
C VAL C 118 -25.31 13.11 7.66
N THR C 119 -25.99 13.42 8.75
CA THR C 119 -27.37 13.87 8.67
C THR C 119 -27.44 15.41 8.66
N HIS C 120 -28.54 15.96 8.16
CA HIS C 120 -28.69 17.41 7.95
C HIS C 120 -28.52 18.24 9.24
N ASP C 121 -28.64 17.62 10.40
CA ASP C 121 -28.39 18.32 11.66
C ASP C 121 -26.92 18.21 12.07
N GLY C 122 -26.11 17.64 11.18
CA GLY C 122 -24.69 17.52 11.43
C GLY C 122 -24.24 16.30 12.22
N SER C 123 -25.16 15.41 12.57
CA SER C 123 -24.74 14.23 13.30
C SER C 123 -24.04 13.25 12.35
N VAL C 124 -22.85 12.81 12.75
CA VAL C 124 -22.05 11.92 11.95
C VAL C 124 -22.07 10.53 12.53
N MET C 125 -22.26 9.55 11.67
CA MET C 125 -22.12 8.17 12.07
C MET C 125 -21.06 7.52 11.20
N PHE C 126 -20.09 6.89 11.86
CA PHE C 126 -18.96 6.29 11.16
C PHE C 126 -18.66 4.97 11.84
N ILE C 127 -18.76 3.88 11.09
CA ILE C 127 -18.63 2.56 11.69
C ILE C 127 -17.61 1.68 10.96
N PRO C 128 -16.32 1.96 11.17
CA PRO C 128 -15.27 1.14 10.54
C PRO C 128 -15.18 -0.28 11.13
N ALA C 129 -15.16 -1.29 10.26
CA ALA C 129 -14.85 -2.64 10.69
C ALA C 129 -13.33 -2.84 10.67
N GLN C 130 -12.82 -3.56 11.65
CA GLN C 130 -11.38 -3.58 11.87
C GLN C 130 -10.93 -4.96 12.32
N ARG C 131 -9.69 -5.30 11.97
CA ARG C 131 -8.99 -6.37 12.64
C ARG C 131 -7.78 -5.80 13.41
N LEU C 132 -7.73 -6.07 14.71
CA LEU C 132 -6.68 -5.54 15.58
C LEU C 132 -5.87 -6.67 16.24
N SER C 133 -4.54 -6.58 16.14
CA SER C 133 -3.63 -7.36 16.98
C SER C 133 -3.16 -6.51 18.13
N PHE C 134 -3.31 -7.01 19.36
CA PHE C 134 -2.92 -6.23 20.53
C PHE C 134 -2.25 -7.11 21.60
N MET C 135 -1.56 -6.48 22.53
CA MET C 135 -0.81 -7.21 23.55
C MET C 135 -1.74 -7.91 24.56
N CYS C 136 -1.53 -9.21 24.74
CA CYS C 136 -2.36 -10.00 25.63
C CYS C 136 -1.77 -11.37 25.88
N ASP C 137 -1.56 -11.71 27.14
CA ASP C 137 -1.13 -13.04 27.55
C ASP C 137 -2.37 -13.90 27.79
N PRO C 138 -2.63 -14.87 26.89
CA PRO C 138 -3.84 -15.69 26.98
C PRO C 138 -3.80 -16.83 28.03
N THR C 139 -2.83 -16.81 28.94
CA THR C 139 -2.73 -17.85 29.95
C THR C 139 -4.03 -17.99 30.72
N GLY C 140 -4.60 -19.20 30.71
CA GLY C 140 -5.87 -19.46 31.33
C GLY C 140 -6.97 -19.65 30.29
N VAL C 141 -6.64 -19.40 29.03
CA VAL C 141 -7.65 -19.48 27.98
C VAL C 141 -8.15 -20.91 27.80
N ASP C 142 -7.33 -21.90 28.14
CA ASP C 142 -7.69 -23.30 27.94
C ASP C 142 -8.47 -23.88 29.11
N SER C 143 -9.01 -23.01 29.96
CA SER C 143 -9.76 -23.43 31.12
C SER C 143 -11.23 -23.06 30.99
N GLU C 144 -12.06 -23.69 31.80
CA GLU C 144 -13.47 -23.32 31.95
C GLU C 144 -13.65 -21.84 32.37
N GLU C 145 -12.77 -21.36 33.24
CA GLU C 145 -12.86 -19.97 33.72
C GLU C 145 -12.45 -18.95 32.64
N GLY C 146 -11.57 -19.35 31.75
CA GLY C 146 -11.16 -18.49 30.65
C GLY C 146 -10.00 -17.57 31.01
N ALA C 147 -9.59 -16.73 30.05
CA ALA C 147 -8.61 -15.68 30.30
C ALA C 147 -9.24 -14.32 30.03
N THR C 148 -8.63 -13.28 30.55
CA THR C 148 -9.12 -11.94 30.26
C THR C 148 -7.99 -11.12 29.63
N CYS C 149 -8.38 -10.21 28.75
CA CYS C 149 -7.44 -9.27 28.18
C CYS C 149 -8.10 -7.90 28.02
N ALA C 150 -7.27 -6.87 27.83
CA ALA C 150 -7.76 -5.49 27.77
C ALA C 150 -6.92 -4.66 26.81
N VAL C 151 -7.59 -3.75 26.12
CA VAL C 151 -6.93 -2.75 25.31
C VAL C 151 -7.73 -1.46 25.41
N LYS C 152 -6.99 -0.35 25.54
CA LYS C 152 -7.52 0.99 25.64
C LYS C 152 -7.55 1.68 24.29
N PHE C 153 -8.65 2.40 24.03
CA PHE C 153 -8.83 3.18 22.83
C PHE C 153 -8.99 4.63 23.20
N GLY C 154 -8.32 5.51 22.48
CA GLY C 154 -8.50 6.93 22.70
C GLY C 154 -7.84 7.79 21.66
N SER C 155 -8.08 9.09 21.74
CA SER C 155 -7.44 10.04 20.83
C SER C 155 -5.94 9.92 20.97
N TRP C 156 -5.24 10.07 19.85
CA TRP C 156 -3.79 10.08 19.92
C TRP C 156 -3.28 11.47 20.25
N VAL C 157 -3.91 12.50 19.70
CA VAL C 157 -3.37 13.86 19.84
C VAL C 157 -4.27 14.87 20.57
N TYR C 158 -5.53 14.52 20.81
CA TYR C 158 -6.45 15.46 21.46
C TYR C 158 -6.64 15.12 22.94
N SER C 159 -6.65 16.14 23.80
CA SER C 159 -6.86 15.89 25.21
C SER C 159 -8.36 15.89 25.49
N GLY C 160 -8.72 15.47 26.70
CA GLY C 160 -10.11 15.47 27.14
C GLY C 160 -10.82 16.81 27.10
N PHE C 161 -10.08 17.91 26.93
CA PHE C 161 -10.69 19.23 26.72
C PHE C 161 -11.07 19.42 25.25
N GLU C 162 -10.52 18.58 24.38
CA GLU C 162 -10.76 18.73 22.94
C GLU C 162 -11.68 17.62 22.44
N ILE C 163 -11.40 16.39 22.86
CA ILE C 163 -12.30 15.28 22.58
C ILE C 163 -12.72 14.61 23.87
N ASP C 164 -14.03 14.47 24.06
CA ASP C 164 -14.55 13.69 25.17
C ASP C 164 -15.15 12.41 24.64
N LEU C 165 -14.83 11.29 25.28
CA LEU C 165 -15.35 9.98 24.88
C LEU C 165 -16.45 9.49 25.82
N LYS C 166 -17.51 8.94 25.25
CA LYS C 166 -18.58 8.36 26.02
C LYS C 166 -18.99 7.04 25.39
N THR C 167 -19.54 6.13 26.19
CA THR C 167 -20.21 4.94 25.66
C THR C 167 -21.70 5.05 26.01
N ASP C 168 -22.57 4.41 25.24
CA ASP C 168 -24.01 4.41 25.55
C ASP C 168 -24.30 3.35 26.59
N THR C 169 -23.48 2.32 26.60
CA THR C 169 -23.54 1.26 27.59
C THR C 169 -22.15 0.68 27.77
N ASP C 170 -21.91 0.05 28.91
CA ASP C 170 -20.61 -0.54 29.17
C ASP C 170 -20.54 -1.96 28.68
N GLN C 171 -21.67 -2.47 28.20
CA GLN C 171 -21.72 -3.80 27.61
C GLN C 171 -21.36 -3.73 26.12
N VAL C 172 -20.31 -4.47 25.73
CA VAL C 172 -19.97 -4.61 24.32
C VAL C 172 -21.07 -5.44 23.66
N ASP C 173 -21.41 -5.09 22.42
CA ASP C 173 -22.43 -5.82 21.65
C ASP C 173 -21.87 -7.14 21.18
N LEU C 174 -22.44 -8.24 21.67
CA LEU C 174 -21.98 -9.58 21.33
C LEU C 174 -22.99 -10.32 20.47
N SER C 175 -24.05 -9.63 20.04
CA SER C 175 -25.18 -10.28 19.37
C SER C 175 -24.82 -10.74 17.95
N SER C 176 -23.65 -10.33 17.47
CA SER C 176 -23.14 -10.78 16.19
C SER C 176 -21.81 -11.53 16.30
N TYR C 177 -21.50 -12.04 17.50
CA TYR C 177 -20.26 -12.78 17.66
C TYR C 177 -20.32 -14.09 16.89
N TYR C 178 -19.26 -14.41 16.16
CA TYR C 178 -19.22 -15.59 15.31
C TYR C 178 -19.46 -16.87 16.14
N ALA C 179 -20.56 -17.56 15.86
CA ALA C 179 -21.00 -18.66 16.69
C ALA C 179 -20.07 -19.85 16.65
N SER C 180 -19.23 -19.94 15.62
CA SER C 180 -18.31 -21.08 15.52
C SER C 180 -16.84 -20.66 15.56
N SER C 181 -16.59 -19.61 16.33
CA SER C 181 -15.23 -19.14 16.59
C SER C 181 -14.43 -20.19 17.34
N LYS C 182 -13.11 -20.14 17.24
CA LYS C 182 -12.27 -21.01 18.05
C LYS C 182 -12.38 -20.62 19.52
N TYR C 183 -12.85 -19.41 19.78
CA TYR C 183 -12.93 -18.92 21.14
C TYR C 183 -14.35 -18.47 21.53
N GLU C 184 -14.79 -18.98 22.67
CA GLU C 184 -16.06 -18.58 23.26
C GLU C 184 -15.88 -17.29 24.06
N ILE C 185 -16.77 -16.32 23.85
CA ILE C 185 -16.71 -15.07 24.62
C ILE C 185 -17.52 -15.20 25.89
N LEU C 186 -16.93 -14.84 27.02
CA LEU C 186 -17.60 -15.01 28.31
C LEU C 186 -18.12 -13.67 28.81
N SER C 187 -17.44 -12.59 28.40
CA SER C 187 -17.92 -11.25 28.72
C SER C 187 -17.05 -10.26 28.01
N ALA C 188 -17.58 -9.06 27.83
CA ALA C 188 -16.84 -7.98 27.16
C ALA C 188 -17.46 -6.66 27.54
N THR C 189 -16.65 -5.79 28.10
CA THR C 189 -17.13 -4.53 28.58
C THR C 189 -16.34 -3.40 27.95
N GLN C 190 -16.93 -2.22 27.92
CA GLN C 190 -16.29 -1.04 27.34
C GLN C 190 -16.53 0.11 28.29
N THR C 191 -15.47 0.52 28.98
CA THR C 191 -15.59 1.41 30.12
C THR C 191 -14.78 2.68 29.94
N ARG C 192 -15.43 3.82 30.15
CA ARG C 192 -14.75 5.10 30.09
C ARG C 192 -13.83 5.32 31.29
N GLN C 193 -12.64 5.85 31.05
CA GLN C 193 -11.71 6.13 32.12
C GLN C 193 -11.06 7.50 31.94
N VAL C 194 -11.03 8.27 33.01
CA VAL C 194 -10.40 9.59 33.01
C VAL C 194 -9.13 9.55 33.84
N GLN C 195 -8.14 10.34 33.44
CA GLN C 195 -6.82 10.29 34.07
C GLN C 195 -6.07 11.63 33.91
N HIS C 196 -5.10 11.89 34.77
CA HIS C 196 -4.26 13.07 34.66
C HIS C 196 -2.79 12.69 34.68
N TYR C 197 -1.93 13.55 34.17
CA TYR C 197 -0.48 13.32 34.25
C TYR C 197 0.20 14.54 34.86
N CYS C 199 2.56 16.29 34.51
CA CYS C 199 2.96 17.37 33.60
C CYS C 199 1.80 18.29 33.24
N CYS C 200 0.64 17.69 32.98
CA CYS C 200 -0.44 18.39 32.29
C CYS C 200 -1.65 18.65 33.17
N PRO C 201 -2.25 19.83 33.01
CA PRO C 201 -3.41 20.37 33.73
C PRO C 201 -4.73 19.79 33.26
N GLU C 202 -4.65 18.92 32.26
CA GLU C 202 -5.80 18.52 31.45
C GLU C 202 -6.11 17.04 31.55
N PRO C 203 -7.40 16.70 31.57
CA PRO C 203 -7.81 15.30 31.68
C PRO C 203 -7.58 14.55 30.38
N TYR C 204 -7.18 13.28 30.48
CA TYR C 204 -7.11 12.40 29.31
C TYR C 204 -8.06 11.22 29.48
N ILE C 205 -8.70 10.85 28.38
CA ILE C 205 -9.81 9.91 28.39
C ILE C 205 -9.55 8.76 27.44
N ASP C 206 -9.93 7.56 27.85
CA ASP C 206 -9.87 6.41 26.99
C ASP C 206 -11.05 5.49 27.32
N VAL C 207 -11.35 4.57 26.41
CA VAL C 207 -12.34 3.55 26.66
C VAL C 207 -11.61 2.22 26.76
N ASN C 208 -11.73 1.54 27.90
CA ASN C 208 -11.06 0.27 28.10
C ASN C 208 -11.94 -0.89 27.64
N LEU C 209 -11.41 -1.66 26.70
CA LEU C 209 -12.11 -2.83 26.21
C LEU C 209 -11.60 -4.07 26.89
N VAL C 210 -12.43 -4.68 27.71
CA VAL C 210 -12.02 -5.86 28.46
C VAL C 210 -12.76 -7.09 27.95
N VAL C 211 -12.01 -8.11 27.55
CA VAL C 211 -12.64 -9.32 27.05
C VAL C 211 -12.24 -10.56 27.85
N LYS C 212 -13.22 -11.36 28.22
CA LYS C 212 -12.97 -12.64 28.90
C LYS C 212 -13.41 -13.75 27.97
N PHE C 213 -12.53 -14.70 27.73
CA PHE C 213 -12.82 -15.67 26.69
C PHE C 213 -12.09 -16.98 26.95
N ARG C 214 -12.54 -18.04 26.29
CA ARG C 214 -11.92 -19.34 26.44
C ARG C 214 -12.01 -20.13 25.15
N GLU C 215 -11.13 -21.11 24.99
CA GLU C 215 -11.25 -22.08 23.90
C GLU C 215 -12.60 -22.77 24.01
N ARG C 216 -13.23 -23.07 22.88
CA ARG C 216 -14.62 -23.53 22.89
C ARG C 216 -14.78 -24.97 23.40
N GLU D 11 -14.73 30.26 12.84
CA GLU D 11 -13.92 30.12 11.63
C GLU D 11 -12.48 30.61 11.86
N HIS D 12 -12.13 30.87 13.12
CA HIS D 12 -10.80 31.38 13.44
C HIS D 12 -9.67 30.39 13.11
N GLU D 13 -9.82 29.15 13.53
CA GLU D 13 -8.77 28.16 13.33
C GLU D 13 -8.58 27.89 11.85
N THR D 14 -9.70 27.82 11.13
CA THR D 14 -9.66 27.59 9.69
C THR D 14 -8.89 28.68 8.94
N ARG D 15 -9.07 29.93 9.35
CA ARG D 15 -8.41 31.06 8.72
C ARG D 15 -6.94 31.06 9.07
N LEU D 16 -6.64 30.78 10.34
CA LEU D 16 -5.28 30.57 10.75
C LEU D 16 -4.54 29.56 9.86
N VAL D 17 -5.15 28.40 9.65
CA VAL D 17 -4.48 27.32 8.92
C VAL D 17 -4.27 27.72 7.46
N ALA D 18 -5.28 28.36 6.87
CA ALA D 18 -5.20 28.82 5.50
C ALA D 18 -4.11 29.87 5.36
N LYS D 19 -3.99 30.75 6.35
CA LYS D 19 -2.92 31.75 6.35
C LYS D 19 -1.53 31.09 6.46
N LEU D 20 -1.36 30.23 7.45
CA LEU D 20 -0.06 29.59 7.69
C LEU D 20 0.44 28.80 6.48
N PHE D 21 -0.49 28.16 5.76
CA PHE D 21 -0.10 27.23 4.70
C PHE D 21 -0.30 27.74 3.28
N LYS D 22 -0.66 29.01 3.14
CA LYS D 22 -0.82 29.59 1.81
C LYS D 22 0.49 29.47 1.03
N ASP D 23 1.58 29.93 1.62
CA ASP D 23 2.90 29.87 0.99
C ASP D 23 3.90 28.95 1.69
N TYR D 24 3.41 27.96 2.42
CA TYR D 24 4.28 27.06 3.18
C TYR D 24 4.89 25.98 2.30
N SER D 25 6.17 25.69 2.50
CA SER D 25 6.78 24.54 1.81
C SER D 25 7.30 23.50 2.79
N SER D 26 6.90 22.24 2.60
CA SER D 26 7.30 21.16 3.50
C SER D 26 8.66 20.56 3.13
N VAL D 27 9.28 21.02 2.06
CA VAL D 27 10.59 20.52 1.69
C VAL D 27 11.73 21.48 2.12
N VAL D 28 11.37 22.53 2.84
CA VAL D 28 12.32 23.56 3.25
C VAL D 28 12.55 23.52 4.75
N ARG D 29 13.78 23.40 5.20
CA ARG D 29 14.05 23.40 6.64
C ARG D 29 13.52 24.68 7.24
N PRO D 30 12.77 24.56 8.35
CA PRO D 30 12.05 25.71 8.90
C PRO D 30 12.90 26.58 9.81
N VAL D 31 13.93 27.21 9.25
CA VAL D 31 14.75 28.19 9.95
C VAL D 31 14.67 29.56 9.28
N GLU D 32 14.75 30.62 10.08
CA GLU D 32 14.76 31.98 9.54
C GLU D 32 15.97 32.17 8.66
N ASP D 33 17.10 31.63 9.11
CA ASP D 33 18.35 31.70 8.36
C ASP D 33 18.82 30.28 8.07
N HIS D 34 19.18 30.01 6.81
CA HIS D 34 19.55 28.64 6.41
C HIS D 34 20.91 28.19 6.98
N ARG D 35 21.76 29.13 7.39
CA ARG D 35 23.01 28.80 8.07
C ARG D 35 22.74 28.17 9.44
N GLN D 36 21.51 28.29 9.90
CA GLN D 36 21.10 27.83 11.22
C GLN D 36 20.69 26.36 11.22
N VAL D 37 20.90 25.69 12.34
CA VAL D 37 20.57 24.28 12.47
C VAL D 37 19.19 24.08 13.09
N VAL D 38 18.48 23.05 12.65
CA VAL D 38 17.24 22.67 13.30
C VAL D 38 17.55 21.69 14.43
N GLU D 39 17.31 22.07 15.67
CA GLU D 39 17.58 21.17 16.77
C GLU D 39 16.35 20.32 17.08
N VAL D 40 16.51 19.01 17.01
CA VAL D 40 15.42 18.09 17.26
C VAL D 40 15.67 17.27 18.51
N THR D 41 14.70 17.28 19.42
CA THR D 41 14.79 16.45 20.60
C THR D 41 14.03 15.14 20.38
N LEU D 42 14.71 14.03 20.61
CA LEU D 42 14.16 12.69 20.49
C LEU D 42 14.12 11.98 21.82
N GLY D 43 13.05 11.23 22.07
CA GLY D 43 12.96 10.39 23.26
C GLY D 43 12.18 9.13 22.93
N PHE D 44 12.69 7.98 23.33
CA PHE D 44 11.99 6.73 23.04
C PHE D 44 11.22 6.18 24.21
N THR D 45 10.02 5.70 23.95
CA THR D 45 9.20 4.98 24.93
C THR D 45 9.01 3.57 24.45
N LEU D 46 9.71 2.61 25.05
CA LEU D 46 9.69 1.24 24.59
C LEU D 46 8.44 0.52 25.13
N GLN D 47 7.66 -0.09 24.24
CA GLN D 47 6.40 -0.67 24.65
C GLN D 47 6.43 -2.19 24.78
N ASP D 48 7.15 -2.83 23.88
CA ASP D 48 7.13 -4.28 23.83
C ASP D 48 8.19 -4.79 22.88
N ILE D 49 8.95 -5.77 23.33
CA ILE D 49 9.73 -6.59 22.42
C ILE D 49 8.84 -7.76 22.06
N VAL D 50 8.31 -7.73 20.84
CA VAL D 50 7.27 -8.66 20.43
C VAL D 50 7.83 -10.01 20.06
N LYS D 51 8.93 -9.98 19.33
CA LYS D 51 9.42 -11.15 18.61
C LYS D 51 10.93 -11.05 18.47
N ALA D 52 11.63 -12.16 18.71
CA ALA D 52 13.04 -12.23 18.38
C ALA D 52 13.24 -13.48 17.59
N ASP D 53 13.85 -13.35 16.43
CA ASP D 53 13.98 -14.45 15.50
C ASP D 53 15.43 -14.86 15.41
N SER D 54 15.78 -16.00 16.02
CA SER D 54 17.18 -16.43 16.05
C SER D 54 17.65 -17.00 14.72
N SER D 55 16.72 -17.31 13.82
CA SER D 55 17.14 -17.89 12.55
C SER D 55 17.51 -16.81 11.51
N THR D 56 17.17 -15.55 11.77
CA THR D 56 17.52 -14.47 10.85
C THR D 56 18.20 -13.31 11.56
N ASN D 57 18.20 -13.36 12.88
CA ASN D 57 18.70 -12.29 13.72
C ASN D 57 18.00 -10.95 13.43
N GLU D 58 16.67 -11.01 13.42
CA GLU D 58 15.81 -9.84 13.47
C GLU D 58 15.01 -9.85 14.76
N VAL D 59 14.90 -8.69 15.37
CA VAL D 59 14.06 -8.52 16.54
C VAL D 59 13.04 -7.43 16.22
N ASP D 60 11.81 -7.61 16.72
CA ASP D 60 10.74 -6.62 16.52
C ASP D 60 10.38 -5.84 17.79
N LEU D 61 10.53 -4.52 17.72
CA LEU D 61 10.21 -3.57 18.77
C LEU D 61 8.92 -2.80 18.49
N VAL D 62 8.07 -2.62 19.50
CA VAL D 62 6.98 -1.64 19.42
C VAL D 62 7.31 -0.51 20.39
N TYR D 63 7.21 0.73 19.94
CA TYR D 63 7.59 1.90 20.74
C TYR D 63 6.92 3.17 20.22
N TYR D 64 6.93 4.22 21.05
CA TYR D 64 6.63 5.59 20.62
C TYR D 64 7.92 6.34 20.49
N GLU D 65 7.98 7.24 19.52
CA GLU D 65 9.13 8.06 19.32
C GLU D 65 8.69 9.52 19.44
N GLN D 66 9.08 10.18 20.52
CA GLN D 66 8.71 11.57 20.70
C GLN D 66 9.71 12.49 19.98
N GLN D 67 9.18 13.37 19.13
CA GLN D 67 10.03 14.30 18.38
C GLN D 67 9.55 15.71 18.61
N ARG D 68 10.47 16.61 18.91
CA ARG D 68 10.13 18.00 19.15
C ARG D 68 11.14 18.90 18.48
N TRP D 69 10.64 19.92 17.77
CA TRP D 69 11.45 20.95 17.16
C TRP D 69 10.59 22.19 16.98
N VAL D 70 11.21 23.29 16.60
CA VAL D 70 10.51 24.53 16.35
C VAL D 70 10.40 24.81 14.85
N ASP D 71 9.23 25.22 14.40
CA ASP D 71 9.04 25.60 13.01
C ASP D 71 8.85 27.12 12.97
N TYR D 72 9.83 27.81 12.39
CA TYR D 72 9.86 29.25 12.40
C TYR D 72 8.61 29.86 11.77
N ASN D 73 8.08 29.22 10.74
CA ASN D 73 6.97 29.77 9.98
C ASN D 73 5.59 29.32 10.44
N LEU D 74 5.52 28.68 11.61
CA LEU D 74 4.24 28.25 12.15
C LEU D 74 4.00 28.94 13.49
N LYS D 75 4.24 30.25 13.49
CA LYS D 75 4.02 31.07 14.68
C LYS D 75 2.82 31.99 14.44
N TRP D 76 2.10 32.33 15.50
CA TRP D 76 0.99 33.28 15.40
C TRP D 76 0.63 33.77 16.79
N ASN D 77 -0.16 34.84 16.84
CA ASN D 77 -0.65 35.38 18.10
C ASN D 77 -2.08 34.92 18.32
N PRO D 78 -2.33 34.23 19.43
CA PRO D 78 -3.68 33.73 19.71
C PRO D 78 -4.73 34.82 19.61
N ASP D 79 -4.40 36.03 20.07
CA ASP D 79 -5.35 37.14 20.11
C ASP D 79 -5.93 37.49 18.74
N ASP D 80 -5.14 37.30 17.67
CA ASP D 80 -5.64 37.57 16.33
C ASP D 80 -6.49 36.42 15.76
N TYR D 81 -6.65 35.35 16.54
CA TYR D 81 -7.38 34.19 16.03
C TYR D 81 -8.25 33.54 17.08
N GLY D 82 -9.07 34.35 17.75
CA GLY D 82 -10.04 33.85 18.72
C GLY D 82 -9.42 33.19 19.93
N GLY D 83 -8.12 33.37 20.11
CA GLY D 83 -7.42 32.76 21.23
C GLY D 83 -6.97 31.33 20.98
N VAL D 84 -6.89 30.93 19.71
CA VAL D 84 -6.45 29.58 19.36
C VAL D 84 -4.96 29.41 19.65
N LYS D 85 -4.63 28.39 20.43
CA LYS D 85 -3.26 28.22 20.89
C LYS D 85 -2.48 27.08 20.21
N LYS D 86 -3.19 26.11 19.65
CA LYS D 86 -2.57 24.97 18.98
C LYS D 86 -3.32 24.56 17.72
N ILE D 87 -2.61 23.98 16.77
CA ILE D 87 -3.27 23.36 15.62
C ILE D 87 -2.82 21.91 15.51
N HIS D 88 -3.62 21.11 14.81
CA HIS D 88 -3.33 19.71 14.58
C HIS D 88 -3.30 19.45 13.09
N ILE D 89 -2.11 19.15 12.58
CA ILE D 89 -1.82 19.08 11.16
C ILE D 89 -1.21 17.74 10.78
N PRO D 90 -1.69 17.12 9.69
CA PRO D 90 -1.02 15.88 9.26
C PRO D 90 0.47 16.12 9.04
N ALA D 91 1.30 15.22 9.55
CA ALA D 91 2.75 15.34 9.46
C ALA D 91 3.22 15.52 8.02
N ALA D 92 2.52 14.87 7.10
CA ALA D 92 2.88 14.92 5.69
C ALA D 92 2.81 16.35 5.13
N ASP D 93 2.08 17.23 5.80
CA ASP D 93 1.87 18.59 5.31
C ASP D 93 2.81 19.64 5.90
N ILE D 94 3.64 19.26 6.87
CA ILE D 94 4.66 20.17 7.35
C ILE D 94 6.03 19.56 7.13
N TRP D 95 7.08 20.38 7.28
CA TRP D 95 8.43 19.84 7.27
C TRP D 95 8.57 18.94 8.49
N THR D 96 9.19 17.79 8.30
CA THR D 96 9.51 16.94 9.44
C THR D 96 10.94 16.48 9.30
N PRO D 97 11.60 16.21 10.43
CA PRO D 97 12.92 15.57 10.38
C PRO D 97 12.78 14.12 9.91
N ASP D 98 13.57 13.72 8.92
CA ASP D 98 13.46 12.38 8.35
C ASP D 98 14.18 11.36 9.24
N ILE D 99 13.79 11.28 10.50
CA ILE D 99 14.44 10.39 11.43
C ILE D 99 14.23 8.93 11.01
N THR D 100 15.33 8.23 10.84
CA THR D 100 15.34 6.92 10.22
C THR D 100 16.14 5.93 11.07
N ALA D 101 15.61 4.72 11.25
CA ALA D 101 16.40 3.65 11.84
C ALA D 101 17.41 3.14 10.82
N TYR D 102 18.68 3.08 11.20
CA TYR D 102 19.74 2.76 10.24
C TYR D 102 19.90 1.26 9.96
N SER D 103 19.39 0.40 10.83
CA SER D 103 19.58 -1.03 10.64
C SER D 103 18.25 -1.80 10.65
N SER D 104 17.18 -1.13 10.23
CA SER D 104 15.92 -1.82 9.99
C SER D 104 16.11 -2.87 8.92
N THR D 105 15.27 -3.91 8.93
CA THR D 105 15.30 -4.97 7.90
C THR D 105 13.98 -5.11 7.14
N ARG D 106 12.95 -4.40 7.59
CA ARG D 106 11.64 -4.27 6.94
C ARG D 106 11.18 -2.83 7.08
N PRO D 107 10.28 -2.36 6.20
CA PRO D 107 9.79 -0.99 6.39
C PRO D 107 9.09 -0.86 7.72
N VAL D 108 9.23 0.29 8.39
CA VAL D 108 8.64 0.46 9.71
C VAL D 108 7.12 0.49 9.57
N GLN D 109 6.40 -0.16 10.49
CA GLN D 109 4.94 -0.08 10.41
C GLN D 109 4.44 0.98 11.36
N VAL D 110 3.54 1.83 10.86
CA VAL D 110 3.01 2.94 11.64
C VAL D 110 1.78 2.48 12.41
N LEU D 111 1.73 2.78 13.70
CA LEU D 111 0.68 2.26 14.57
C LEU D 111 -0.22 3.36 15.11
N SER D 112 0.05 4.60 14.75
CA SER D 112 -0.74 5.74 15.23
C SER D 112 -1.08 6.70 14.10
N PRO D 113 -2.11 7.53 14.28
CA PRO D 113 -2.36 8.58 13.29
C PRO D 113 -1.15 9.50 13.16
N GLN D 114 -0.82 9.90 11.94
CA GLN D 114 0.38 10.71 11.70
C GLN D 114 0.03 12.19 11.77
N ILE D 115 -0.25 12.69 12.96
CA ILE D 115 -0.67 14.08 13.13
C ILE D 115 0.29 14.80 14.06
N ALA D 116 0.75 15.97 13.62
CA ALA D 116 1.65 16.77 14.43
C ALA D 116 0.90 17.87 15.15
N VAL D 117 1.25 18.10 16.39
CA VAL D 117 0.63 19.17 17.17
C VAL D 117 1.56 20.39 17.23
N VAL D 118 1.03 21.54 16.83
CA VAL D 118 1.83 22.74 16.66
C VAL D 118 1.30 23.91 17.48
N THR D 119 2.12 24.42 18.40
CA THR D 119 1.75 25.52 19.28
C THR D 119 2.00 26.88 18.60
N HIS D 120 1.35 27.92 19.11
CA HIS D 120 1.41 29.26 18.52
C HIS D 120 2.83 29.84 18.46
N ASP D 121 3.71 29.37 19.34
CA ASP D 121 5.11 29.79 19.29
C ASP D 121 5.93 28.97 18.29
N GLY D 122 5.26 28.12 17.53
CA GLY D 122 5.94 27.30 16.53
C GLY D 122 6.52 25.98 17.03
N SER D 123 6.29 25.66 18.29
CA SER D 123 6.70 24.37 18.82
C SER D 123 5.93 23.22 18.19
N VAL D 124 6.64 22.32 17.52
CA VAL D 124 6.03 21.14 16.94
C VAL D 124 6.23 19.95 17.86
N MET D 125 5.18 19.22 18.18
CA MET D 125 5.41 17.91 18.75
C MET D 125 4.74 16.81 17.94
N PHE D 126 5.50 15.76 17.66
CA PHE D 126 5.09 14.67 16.79
C PHE D 126 5.54 13.35 17.40
N ILE D 127 4.59 12.46 17.68
CA ILE D 127 4.86 11.25 18.43
C ILE D 127 4.32 10.01 17.73
N PRO D 128 5.06 9.49 16.74
CA PRO D 128 4.54 8.31 16.07
C PRO D 128 4.87 7.01 16.79
N ALA D 129 3.87 6.14 16.90
CA ALA D 129 4.08 4.80 17.40
C ALA D 129 4.42 3.89 16.23
N GLN D 130 5.33 2.95 16.45
CA GLN D 130 5.92 2.18 15.37
C GLN D 130 6.23 0.76 15.77
N ARG D 131 6.14 -0.16 14.81
CA ARG D 131 6.75 -1.46 14.96
C ARG D 131 7.95 -1.58 14.02
N LEU D 132 9.11 -1.81 14.60
CA LEU D 132 10.36 -1.90 13.84
C LEU D 132 11.00 -3.28 13.92
N SER D 133 11.29 -3.88 12.77
CA SER D 133 12.17 -5.03 12.71
C SER D 133 13.58 -4.54 12.46
N PHE D 134 14.53 -4.92 13.31
CA PHE D 134 15.91 -4.52 13.08
C PHE D 134 16.91 -5.65 13.36
N MET D 135 18.14 -5.43 12.89
CA MET D 135 19.20 -6.41 13.01
C MET D 135 19.62 -6.63 14.47
N CYS D 136 19.50 -7.87 14.93
CA CYS D 136 19.73 -8.14 16.35
C CYS D 136 19.92 -9.64 16.56
N ASP D 137 21.06 -9.99 17.15
CA ASP D 137 21.38 -11.36 17.52
C ASP D 137 20.88 -11.60 18.94
N PRO D 138 19.81 -12.41 19.09
CA PRO D 138 19.24 -12.68 20.41
C PRO D 138 19.93 -13.81 21.17
N THR D 139 21.11 -14.24 20.70
CA THR D 139 21.88 -15.25 21.42
C THR D 139 22.14 -14.81 22.86
N GLY D 140 21.82 -15.67 23.81
CA GLY D 140 22.02 -15.34 25.20
C GLY D 140 20.79 -14.74 25.84
N VAL D 141 19.72 -14.60 25.06
CA VAL D 141 18.49 -14.03 25.60
C VAL D 141 17.90 -14.97 26.66
N ASP D 142 18.24 -16.25 26.55
CA ASP D 142 17.79 -17.27 27.50
C ASP D 142 18.81 -17.53 28.62
N SER D 143 19.44 -16.47 29.09
CA SER D 143 20.43 -16.56 30.14
C SER D 143 20.26 -15.36 31.05
N GLU D 144 20.84 -15.41 32.23
CA GLU D 144 20.71 -14.35 33.21
C GLU D 144 21.25 -13.05 32.64
N GLU D 145 22.29 -13.16 31.84
CA GLU D 145 22.96 -11.98 31.29
C GLU D 145 22.13 -11.33 30.19
N GLY D 146 21.36 -12.15 29.46
CA GLY D 146 20.51 -11.66 28.39
C GLY D 146 21.26 -11.32 27.12
N ALA D 147 20.58 -10.66 26.20
CA ALA D 147 21.20 -10.23 24.96
C ALA D 147 21.17 -8.72 24.87
N THR D 148 22.05 -8.17 24.05
CA THR D 148 22.20 -6.74 23.92
C THR D 148 22.19 -6.38 22.45
N CYS D 149 21.33 -5.44 22.07
CA CYS D 149 21.28 -4.99 20.69
C CYS D 149 21.19 -3.49 20.66
N ALA D 150 21.45 -2.92 19.49
CA ALA D 150 21.39 -1.47 19.36
C ALA D 150 20.93 -1.09 17.96
N VAL D 151 20.33 0.08 17.86
CA VAL D 151 19.95 0.64 16.57
C VAL D 151 20.08 2.16 16.63
N LYS D 152 20.69 2.73 15.59
CA LYS D 152 20.82 4.17 15.43
C LYS D 152 19.60 4.81 14.76
N PHE D 153 19.15 5.92 15.32
CA PHE D 153 18.10 6.72 14.69
C PHE D 153 18.68 8.08 14.34
N GLY D 154 18.52 8.51 13.10
CA GLY D 154 18.98 9.83 12.70
C GLY D 154 18.43 10.24 11.36
N SER D 155 18.60 11.52 11.03
CA SER D 155 18.20 12.00 9.73
C SER D 155 18.88 11.17 8.66
N TRP D 156 18.13 10.80 7.63
CA TRP D 156 18.72 10.06 6.54
C TRP D 156 19.52 11.01 5.66
N VAL D 157 18.99 12.20 5.36
CA VAL D 157 19.62 13.07 4.38
C VAL D 157 20.20 14.40 4.91
N TYR D 158 19.89 14.79 6.14
CA TYR D 158 20.41 16.07 6.66
C TYR D 158 21.64 15.88 7.56
N SER D 159 22.71 16.62 7.28
CA SER D 159 23.93 16.54 8.10
C SER D 159 23.75 17.28 9.41
N GLY D 160 24.74 17.16 10.28
CA GLY D 160 24.73 17.88 11.54
C GLY D 160 24.76 19.39 11.41
N PHE D 161 25.05 19.91 10.22
CA PHE D 161 24.96 21.36 10.02
C PHE D 161 23.52 21.75 9.74
N GLU D 162 22.69 20.75 9.47
CA GLU D 162 21.29 20.96 9.08
C GLU D 162 20.29 20.47 10.15
N ILE D 163 20.54 19.29 10.70
CA ILE D 163 19.75 18.79 11.81
C ILE D 163 20.67 18.31 12.91
N ASP D 164 20.40 18.76 14.13
CA ASP D 164 21.15 18.25 15.28
C ASP D 164 20.15 17.62 16.26
N LEU D 165 20.60 16.61 16.99
CA LEU D 165 19.71 15.89 17.88
C LEU D 165 20.13 16.04 19.35
N LYS D 166 19.14 15.99 20.23
CA LYS D 166 19.33 16.06 21.66
C LYS D 166 18.36 15.07 22.28
N THR D 167 18.77 14.42 23.36
CA THR D 167 17.82 13.69 24.20
C THR D 167 17.60 14.48 25.50
N ASP D 168 16.40 14.39 26.06
CA ASP D 168 16.13 14.97 27.38
C ASP D 168 16.79 14.17 28.50
N THR D 169 16.98 12.88 28.26
CA THR D 169 17.67 12.01 29.18
C THR D 169 18.21 10.83 28.41
N ASP D 170 19.26 10.20 28.92
CA ASP D 170 19.82 9.05 28.23
C ASP D 170 19.07 7.79 28.62
N GLN D 171 18.16 7.90 29.58
CA GLN D 171 17.35 6.77 29.98
C GLN D 171 16.12 6.68 29.09
N VAL D 172 15.96 5.52 28.46
CA VAL D 172 14.75 5.23 27.71
C VAL D 172 13.58 5.11 28.68
N ASP D 173 12.44 5.62 28.29
CA ASP D 173 11.25 5.54 29.13
C ASP D 173 10.65 4.13 29.05
N LEU D 174 10.62 3.43 30.19
CA LEU D 174 10.13 2.07 30.26
C LEU D 174 8.87 1.96 31.10
N SER D 175 8.26 3.08 31.43
CA SER D 175 7.12 3.06 32.34
C SER D 175 5.84 2.59 31.64
N SER D 176 5.88 2.50 30.30
CA SER D 176 4.77 1.90 29.56
C SER D 176 5.14 0.53 28.95
N TYR D 177 6.19 -0.11 29.44
CA TYR D 177 6.59 -1.38 28.84
C TYR D 177 5.60 -2.48 29.22
N TYR D 178 5.24 -3.32 28.25
CA TYR D 178 4.23 -4.35 28.44
C TYR D 178 4.70 -5.37 29.48
N ALA D 179 4.05 -5.37 30.64
CA ALA D 179 4.46 -6.16 31.79
C ALA D 179 4.44 -7.65 31.54
N SER D 180 3.56 -8.10 30.65
CA SER D 180 3.48 -9.53 30.30
C SER D 180 4.25 -9.86 28.99
N SER D 181 5.12 -8.97 28.55
CA SER D 181 5.95 -9.27 27.40
C SER D 181 6.75 -10.56 27.61
N LYS D 182 7.04 -11.26 26.53
CA LYS D 182 7.93 -12.41 26.58
C LYS D 182 9.34 -12.00 26.97
N TYR D 183 9.68 -10.73 26.81
CA TYR D 183 11.03 -10.29 27.14
C TYR D 183 11.02 -9.16 28.17
N GLU D 184 11.90 -9.32 29.14
CA GLU D 184 12.11 -8.38 30.21
C GLU D 184 13.23 -7.43 29.79
N ILE D 185 13.09 -6.14 30.09
CA ILE D 185 14.15 -5.19 29.75
C ILE D 185 15.08 -4.99 30.94
N LEU D 186 16.35 -5.32 30.76
CA LEU D 186 17.37 -5.13 31.79
C LEU D 186 17.86 -3.69 31.79
N SER D 187 18.12 -3.16 30.60
CA SER D 187 18.43 -1.75 30.45
C SER D 187 18.15 -1.24 29.04
N ALA D 188 17.89 0.06 28.94
CA ALA D 188 17.60 0.68 27.67
C ALA D 188 18.07 2.12 27.70
N THR D 189 19.01 2.45 26.83
CA THR D 189 19.53 3.79 26.78
C THR D 189 19.39 4.39 25.39
N GLN D 190 19.39 5.72 25.34
CA GLN D 190 19.36 6.49 24.11
C GLN D 190 20.47 7.54 24.18
N THR D 191 21.43 7.47 23.27
CA THR D 191 22.64 8.27 23.39
C THR D 191 23.01 8.90 22.06
N ARG D 192 23.15 10.22 22.08
CA ARG D 192 23.57 10.97 20.92
C ARG D 192 24.98 10.58 20.45
N GLN D 193 25.15 10.42 19.14
CA GLN D 193 26.45 10.11 18.53
C GLN D 193 26.67 10.96 17.29
N VAL D 194 27.93 11.20 16.97
CA VAL D 194 28.33 11.76 15.67
C VAL D 194 29.00 10.68 14.83
N GLN D 195 28.67 10.63 13.54
CA GLN D 195 29.27 9.65 12.63
C GLN D 195 29.63 10.30 11.30
N HIS D 196 30.55 9.66 10.58
CA HIS D 196 30.95 10.06 9.25
C HIS D 196 30.70 8.92 8.30
N TYR D 197 30.21 9.22 7.11
CA TYR D 197 29.92 8.20 6.12
C TYR D 197 30.73 8.47 4.87
N SER D 198 31.06 7.44 4.10
CA SER D 198 31.97 7.62 2.97
C SER D 198 31.35 8.53 1.91
N CYS D 199 30.03 8.62 1.92
CA CYS D 199 29.32 9.37 0.88
C CYS D 199 29.52 10.89 0.97
N CYS D 200 29.73 11.40 2.18
CA CYS D 200 29.54 12.82 2.45
C CYS D 200 30.61 13.39 3.40
N PRO D 201 31.11 14.61 3.12
CA PRO D 201 32.19 15.19 3.94
C PRO D 201 31.72 15.69 5.32
N GLU D 202 30.42 15.86 5.50
CA GLU D 202 29.96 16.43 6.76
C GLU D 202 29.57 15.35 7.77
N PRO D 203 29.66 15.69 9.06
CA PRO D 203 29.25 14.73 10.09
C PRO D 203 27.72 14.67 10.21
N TYR D 204 27.22 13.47 10.51
CA TYR D 204 25.80 13.19 10.68
C TYR D 204 25.54 12.79 12.13
N ILE D 205 24.37 13.17 12.65
CA ILE D 205 24.05 12.90 14.05
C ILE D 205 23.02 11.78 14.17
N ASP D 206 23.20 10.89 15.14
CA ASP D 206 22.16 9.93 15.44
C ASP D 206 21.98 9.75 16.94
N VAL D 207 20.87 9.11 17.30
CA VAL D 207 20.64 8.65 18.64
C VAL D 207 20.67 7.12 18.65
N ASN D 208 21.58 6.59 19.44
CA ASN D 208 21.77 5.15 19.53
C ASN D 208 20.93 4.56 20.64
N LEU D 209 20.03 3.67 20.26
CA LEU D 209 19.15 3.00 21.20
C LEU D 209 19.76 1.64 21.52
N VAL D 210 20.17 1.46 22.77
CA VAL D 210 20.83 0.23 23.22
C VAL D 210 19.93 -0.51 24.19
N VAL D 211 19.61 -1.75 23.87
CA VAL D 211 18.67 -2.49 24.69
C VAL D 211 19.24 -3.83 25.10
N LYS D 212 19.22 -4.07 26.40
CA LYS D 212 19.64 -5.35 26.95
C LYS D 212 18.40 -6.02 27.48
N PHE D 213 18.17 -7.26 27.09
CA PHE D 213 16.90 -7.89 27.39
C PHE D 213 17.02 -9.38 27.52
N ARG D 214 16.01 -10.00 28.10
CA ARG D 214 16.09 -11.39 28.49
C ARG D 214 14.70 -12.01 28.54
N GLU D 215 14.59 -13.31 28.24
CA GLU D 215 13.29 -13.99 28.36
C GLU D 215 12.83 -13.89 29.81
N ARG D 216 11.52 -13.86 30.04
CA ARG D 216 10.99 -13.60 31.38
C ARG D 216 10.80 -14.86 32.25
N GLU E 11 13.64 20.21 -22.93
CA GLU E 11 13.35 21.43 -23.69
C GLU E 11 12.42 21.14 -24.86
N HIS E 12 12.95 20.54 -25.91
CA HIS E 12 12.12 20.02 -26.98
C HIS E 12 11.22 18.88 -26.49
N GLU E 13 11.76 18.04 -25.62
CA GLU E 13 11.01 16.87 -25.20
C GLU E 13 9.92 17.27 -24.24
N THR E 14 10.23 18.22 -23.37
CA THR E 14 9.24 18.76 -22.46
C THR E 14 8.05 19.37 -23.20
N ARG E 15 8.32 20.00 -24.34
CA ARG E 15 7.26 20.59 -25.15
C ARG E 15 6.46 19.52 -25.89
N LEU E 16 7.13 18.50 -26.39
CA LEU E 16 6.43 17.40 -27.03
C LEU E 16 5.45 16.72 -26.07
N VAL E 17 5.92 16.43 -24.86
CA VAL E 17 5.09 15.74 -23.87
C VAL E 17 3.89 16.57 -23.42
N ALA E 18 4.08 17.87 -23.28
CA ALA E 18 2.98 18.74 -22.90
C ALA E 18 1.94 18.78 -24.01
N LYS E 19 2.40 18.81 -25.26
CA LYS E 19 1.50 18.80 -26.41
C LYS E 19 0.70 17.50 -26.51
N LEU E 20 1.41 16.39 -26.51
CA LEU E 20 0.77 15.08 -26.66
C LEU E 20 -0.32 14.81 -25.62
N PHE E 21 -0.12 15.29 -24.40
CA PHE E 21 -1.00 14.95 -23.28
C PHE E 21 -1.96 16.06 -22.86
N LYS E 22 -1.93 17.19 -23.57
CA LYS E 22 -2.84 18.29 -23.28
C LYS E 22 -4.29 17.83 -23.24
N ASP E 23 -4.70 17.09 -24.27
CA ASP E 23 -6.08 16.62 -24.37
C ASP E 23 -6.16 15.10 -24.47
N TYR E 24 -5.13 14.41 -23.98
CA TYR E 24 -5.09 12.96 -24.04
C TYR E 24 -5.88 12.34 -22.91
N SER E 25 -6.50 11.21 -23.16
CA SER E 25 -7.27 10.52 -22.12
C SER E 25 -6.84 9.06 -22.06
N SER E 26 -6.43 8.63 -20.88
CA SER E 26 -5.92 7.27 -20.70
C SER E 26 -7.07 6.28 -20.54
N VAL E 27 -8.29 6.78 -20.58
CA VAL E 27 -9.47 5.95 -20.39
C VAL E 27 -10.10 5.57 -21.76
N VAL E 28 -9.55 6.09 -22.85
CA VAL E 28 -10.12 5.86 -24.17
C VAL E 28 -9.19 5.03 -25.05
N ARG E 29 -9.69 3.91 -25.57
CA ARG E 29 -8.88 3.07 -26.47
C ARG E 29 -8.30 3.94 -27.58
N PRO E 30 -6.98 3.84 -27.79
CA PRO E 30 -6.26 4.77 -28.67
C PRO E 30 -6.38 4.40 -30.14
N VAL E 31 -7.58 4.50 -30.68
CA VAL E 31 -7.80 4.21 -32.10
C VAL E 31 -8.60 5.33 -32.78
N GLU E 32 -8.19 5.65 -34.00
CA GLU E 32 -8.88 6.66 -34.81
C GLU E 32 -10.35 6.29 -35.00
N ASP E 33 -10.59 5.04 -35.33
CA ASP E 33 -11.95 4.54 -35.50
C ASP E 33 -12.35 3.70 -34.30
N HIS E 34 -13.48 4.07 -33.68
CA HIS E 34 -14.01 3.30 -32.56
C HIS E 34 -14.31 1.85 -32.98
N ARG E 35 -14.72 1.68 -34.23
CA ARG E 35 -15.04 0.37 -34.79
C ARG E 35 -13.80 -0.51 -34.97
N GLN E 36 -12.62 0.09 -34.83
CA GLN E 36 -11.36 -0.63 -35.00
C GLN E 36 -10.96 -1.34 -33.71
N VAL E 37 -10.20 -2.41 -33.86
CA VAL E 37 -9.71 -3.15 -32.71
C VAL E 37 -8.27 -2.73 -32.36
N VAL E 38 -7.94 -2.66 -31.08
CA VAL E 38 -6.53 -2.52 -30.69
C VAL E 38 -5.85 -3.88 -30.70
N GLU E 39 -4.85 -4.03 -31.56
CA GLU E 39 -4.07 -5.25 -31.62
C GLU E 39 -2.91 -5.15 -30.64
N VAL E 40 -2.87 -6.05 -29.66
CA VAL E 40 -1.81 -6.06 -28.69
C VAL E 40 -1.01 -7.33 -28.90
N THR E 41 0.31 -7.20 -29.03
CA THR E 41 1.16 -8.37 -29.11
C THR E 41 1.71 -8.67 -27.73
N LEU E 42 1.64 -9.94 -27.36
CA LEU E 42 1.95 -10.36 -26.00
C LEU E 42 3.02 -11.43 -26.04
N GLY E 43 3.98 -11.35 -25.11
CA GLY E 43 5.05 -12.33 -25.08
C GLY E 43 5.67 -12.52 -23.72
N PHE E 44 5.86 -13.76 -23.32
CA PHE E 44 6.40 -14.04 -21.99
C PHE E 44 7.84 -14.50 -21.96
N THR E 45 8.59 -13.94 -21.02
CA THR E 45 9.94 -14.40 -20.71
C THR E 45 9.97 -14.95 -19.29
N LEU E 46 10.02 -16.26 -19.17
CA LEU E 46 9.98 -16.88 -17.86
C LEU E 46 11.36 -16.88 -17.18
N GLN E 47 11.48 -16.25 -16.02
CA GLN E 47 12.75 -16.19 -15.33
C GLN E 47 12.90 -17.28 -14.29
N ASP E 48 11.82 -17.60 -13.58
CA ASP E 48 11.95 -18.50 -12.46
C ASP E 48 10.60 -19.03 -11.98
N ILE E 49 10.58 -20.33 -11.67
CA ILE E 49 9.56 -20.89 -10.82
C ILE E 49 10.15 -20.85 -9.42
N VAL E 50 9.68 -19.92 -8.60
CA VAL E 50 10.26 -19.71 -7.28
C VAL E 50 9.80 -20.77 -6.29
N LYS E 51 8.51 -21.09 -6.33
CA LYS E 51 7.91 -21.87 -5.27
C LYS E 51 6.72 -22.66 -5.82
N ALA E 52 6.54 -23.89 -5.34
CA ALA E 52 5.40 -24.72 -5.66
C ALA E 52 4.82 -25.30 -4.38
N ASP E 53 3.62 -24.85 -4.00
CA ASP E 53 3.07 -25.16 -2.69
C ASP E 53 2.00 -26.25 -2.78
N SER E 54 2.35 -27.46 -2.38
CA SER E 54 1.43 -28.59 -2.58
C SER E 54 0.36 -28.64 -1.52
N SER E 55 0.47 -27.83 -0.47
CA SER E 55 -0.60 -27.81 0.52
C SER E 55 -1.77 -26.88 0.12
N THR E 56 -1.53 -25.93 -0.78
CA THR E 56 -2.59 -25.02 -1.22
C THR E 56 -2.78 -25.03 -2.73
N ASN E 57 -1.93 -25.75 -3.45
CA ASN E 57 -1.93 -25.80 -4.90
C ASN E 57 -1.84 -24.39 -5.49
N GLU E 58 -0.82 -23.67 -5.02
CA GLU E 58 -0.41 -22.40 -5.57
C GLU E 58 1.02 -22.52 -6.05
N VAL E 59 1.32 -21.90 -7.18
CA VAL E 59 2.67 -21.88 -7.68
C VAL E 59 3.04 -20.44 -8.03
N ASP E 60 4.30 -20.08 -7.76
CA ASP E 60 4.79 -18.73 -7.92
C ASP E 60 5.75 -18.60 -9.11
N LEU E 61 5.38 -17.75 -10.07
CA LEU E 61 6.20 -17.46 -11.24
C LEU E 61 6.83 -16.08 -11.22
N VAL E 62 8.05 -15.97 -11.71
CA VAL E 62 8.63 -14.66 -12.01
C VAL E 62 8.91 -14.59 -13.52
N TYR E 63 8.46 -13.53 -14.18
CA TYR E 63 8.56 -13.42 -15.63
C TYR E 63 8.47 -11.96 -16.06
N TYR E 64 9.01 -11.69 -17.25
CA TYR E 64 8.78 -10.42 -17.94
C TYR E 64 7.61 -10.61 -18.88
N GLU E 65 6.69 -9.67 -18.87
CA GLU E 65 5.58 -9.73 -19.80
C GLU E 65 5.68 -8.60 -20.82
N GLN E 66 6.11 -8.94 -22.03
CA GLN E 66 6.24 -7.95 -23.09
C GLN E 66 4.92 -7.62 -23.79
N GLN E 67 4.52 -6.35 -23.77
CA GLN E 67 3.32 -5.89 -24.43
C GLN E 67 3.66 -4.83 -25.47
N ARG E 68 3.00 -4.89 -26.63
CA ARG E 68 3.24 -3.96 -27.74
C ARG E 68 1.95 -3.58 -28.45
N TRP E 69 1.71 -2.30 -28.63
CA TRP E 69 0.58 -1.86 -29.42
C TRP E 69 0.85 -0.47 -29.96
N VAL E 70 -0.05 0.01 -30.82
CA VAL E 70 0.06 1.35 -31.36
C VAL E 70 -0.95 2.29 -30.70
N ASP E 71 -0.50 3.47 -30.31
CA ASP E 71 -1.38 4.52 -29.81
C ASP E 71 -1.45 5.59 -30.88
N TYR E 72 -2.62 5.72 -31.51
CA TYR E 72 -2.82 6.62 -32.64
C TYR E 72 -2.53 8.07 -32.29
N ASN E 73 -2.84 8.45 -31.06
CA ASN E 73 -2.68 9.85 -30.64
C ASN E 73 -1.33 10.19 -30.03
N LEU E 74 -0.40 9.26 -30.04
CA LEU E 74 0.94 9.57 -29.53
C LEU E 74 1.95 9.53 -30.67
N LYS E 75 1.66 10.31 -31.70
CA LYS E 75 2.52 10.39 -32.87
C LYS E 75 3.07 11.78 -33.01
N TRP E 76 4.23 11.90 -33.63
CA TRP E 76 4.81 13.21 -33.86
C TRP E 76 5.89 13.11 -34.92
N ASN E 77 6.31 14.25 -35.45
CA ASN E 77 7.44 14.25 -36.36
C ASN E 77 8.65 14.70 -35.57
N PRO E 78 9.70 13.87 -35.53
CA PRO E 78 10.92 14.18 -34.77
C PRO E 78 11.54 15.53 -35.14
N ASP E 79 11.47 15.89 -36.43
CA ASP E 79 11.99 17.17 -36.90
C ASP E 79 11.38 18.37 -36.16
N ASP E 80 10.10 18.29 -35.79
CA ASP E 80 9.42 19.38 -35.11
C ASP E 80 9.81 19.49 -33.63
N TYR E 81 10.66 18.59 -33.16
CA TYR E 81 11.04 18.60 -31.75
C TYR E 81 12.47 18.17 -31.54
N GLY E 82 13.41 18.93 -32.10
CA GLY E 82 14.83 18.67 -31.92
C GLY E 82 15.28 17.26 -32.24
N GLY E 83 14.45 16.50 -32.94
CA GLY E 83 14.81 15.15 -33.32
C GLY E 83 14.61 14.06 -32.27
N VAL E 84 13.83 14.32 -31.22
CA VAL E 84 13.53 13.26 -30.26
C VAL E 84 12.64 12.21 -30.91
N LYS E 85 13.04 10.96 -30.77
CA LYS E 85 12.40 9.87 -31.50
C LYS E 85 11.60 8.93 -30.58
N LYS E 86 11.73 9.12 -29.26
CA LYS E 86 11.06 8.28 -28.24
C LYS E 86 10.79 9.07 -26.97
N ILE E 87 9.67 8.80 -26.31
CA ILE E 87 9.48 9.33 -24.97
C ILE E 87 9.30 8.20 -23.95
N HIS E 88 9.44 8.53 -22.67
CA HIS E 88 9.35 7.54 -21.60
C HIS E 88 8.39 8.02 -20.55
N ILE E 89 7.25 7.35 -20.46
CA ILE E 89 6.10 7.86 -19.73
C ILE E 89 5.56 6.82 -18.76
N PRO E 90 5.22 7.25 -17.52
CA PRO E 90 4.57 6.31 -16.60
C PRO E 90 3.36 5.65 -17.26
N ALA E 91 3.28 4.33 -17.19
CA ALA E 91 2.21 3.58 -17.84
C ALA E 91 0.84 4.08 -17.42
N ALA E 92 0.74 4.60 -16.20
CA ALA E 92 -0.53 5.07 -15.68
C ALA E 92 -1.00 6.30 -16.42
N ASP E 93 -0.10 6.98 -17.12
CA ASP E 93 -0.49 8.22 -17.77
C ASP E 93 -1.00 8.00 -19.21
N ILE E 94 -0.80 6.81 -19.75
CA ILE E 94 -1.32 6.49 -21.08
C ILE E 94 -2.37 5.39 -21.02
N TRP E 95 -3.13 5.22 -22.11
CA TRP E 95 -4.01 4.08 -22.17
C TRP E 95 -3.16 2.83 -22.22
N THR E 96 -3.50 1.84 -21.41
CA THR E 96 -2.84 0.54 -21.48
C THR E 96 -3.88 -0.56 -21.57
N PRO E 97 -3.51 -1.68 -22.18
CA PRO E 97 -4.37 -2.86 -22.12
C PRO E 97 -4.34 -3.46 -20.71
N ASP E 98 -5.52 -3.74 -20.17
CA ASP E 98 -5.64 -4.25 -18.80
C ASP E 98 -5.35 -5.74 -18.74
N ILE E 99 -4.16 -6.17 -19.15
CA ILE E 99 -3.88 -7.62 -19.23
C ILE E 99 -3.83 -8.24 -17.84
N THR E 100 -4.60 -9.31 -17.65
CA THR E 100 -4.83 -9.88 -16.34
C THR E 100 -4.67 -11.40 -16.34
N ALA E 101 -3.99 -11.95 -15.34
CA ALA E 101 -4.00 -13.39 -15.14
C ALA E 101 -5.38 -13.78 -14.61
N TYR E 102 -5.96 -14.83 -15.14
CA TYR E 102 -7.35 -15.17 -14.82
C TYR E 102 -7.47 -16.09 -13.60
N SER E 103 -6.39 -16.77 -13.25
CA SER E 103 -6.46 -17.72 -12.15
C SER E 103 -5.40 -17.46 -11.09
N SER E 104 -4.98 -16.21 -10.94
CA SER E 104 -4.11 -15.83 -9.83
C SER E 104 -4.82 -16.03 -8.49
N THR E 105 -4.05 -16.23 -7.42
CA THR E 105 -4.61 -16.35 -6.08
C THR E 105 -4.11 -15.25 -5.13
N ARG E 106 -3.23 -14.38 -5.62
CA ARG E 106 -2.77 -13.17 -4.91
C ARG E 106 -2.63 -12.03 -5.91
N PRO E 107 -2.76 -10.76 -5.45
CA PRO E 107 -2.51 -9.65 -6.36
C PRO E 107 -1.13 -9.77 -6.95
N VAL E 108 -0.99 -9.59 -8.25
CA VAL E 108 0.30 -9.74 -8.91
C VAL E 108 1.25 -8.66 -8.37
N GLN E 109 2.50 -9.02 -8.16
CA GLN E 109 3.47 -8.05 -7.68
C GLN E 109 4.39 -7.55 -8.80
N VAL E 110 4.53 -6.24 -8.87
CA VAL E 110 5.33 -5.59 -9.90
C VAL E 110 6.77 -5.45 -9.44
N LEU E 111 7.72 -5.88 -10.27
CA LEU E 111 9.12 -5.94 -9.90
C LEU E 111 9.94 -4.84 -10.62
N SER E 112 9.31 -4.19 -11.58
CA SER E 112 10.00 -3.21 -12.41
C SER E 112 9.26 -1.87 -12.40
N PRO E 113 9.95 -0.79 -12.80
CA PRO E 113 9.34 0.54 -12.94
C PRO E 113 8.22 0.48 -13.94
N GLN E 114 7.10 1.15 -13.68
CA GLN E 114 5.96 1.06 -14.58
C GLN E 114 6.05 2.16 -15.63
N ILE E 115 6.97 1.98 -16.56
CA ILE E 115 7.27 3.00 -17.54
C ILE E 115 7.10 2.43 -18.93
N ALA E 116 6.38 3.15 -19.78
CA ALA E 116 6.18 2.71 -21.15
C ALA E 116 7.05 3.55 -22.06
N VAL E 117 7.58 2.92 -23.10
CA VAL E 117 8.41 3.61 -24.09
C VAL E 117 7.62 3.80 -25.37
N VAL E 118 7.35 5.05 -25.73
CA VAL E 118 6.58 5.34 -26.94
C VAL E 118 7.42 5.94 -28.06
N THR E 119 7.41 5.30 -29.21
CA THR E 119 8.12 5.80 -30.39
C THR E 119 7.27 6.79 -31.20
N HIS E 120 7.92 7.66 -31.97
CA HIS E 120 7.24 8.75 -32.70
C HIS E 120 6.15 8.27 -33.66
N ASP E 121 6.25 7.04 -34.13
CA ASP E 121 5.19 6.44 -34.96
C ASP E 121 4.01 5.92 -34.11
N GLY E 122 4.03 6.23 -32.81
CA GLY E 122 2.94 5.86 -31.94
C GLY E 122 3.03 4.44 -31.41
N SER E 123 4.12 3.77 -31.73
CA SER E 123 4.36 2.42 -31.27
C SER E 123 4.71 2.39 -29.77
N VAL E 124 3.97 1.60 -28.98
CA VAL E 124 4.18 1.52 -27.53
C VAL E 124 4.85 0.20 -27.12
N MET E 125 5.87 0.29 -26.30
CA MET E 125 6.49 -0.90 -25.75
C MET E 125 6.43 -0.82 -24.22
N PHE E 126 5.90 -1.86 -23.58
CA PHE E 126 5.73 -1.90 -22.12
C PHE E 126 6.06 -3.30 -21.62
N ILE E 127 7.00 -3.41 -20.69
CA ILE E 127 7.49 -4.73 -20.28
C ILE E 127 7.60 -4.88 -18.77
N PRO E 128 6.46 -5.00 -18.10
CA PRO E 128 6.41 -5.26 -16.66
C PRO E 128 6.99 -6.61 -16.28
N ALA E 129 7.89 -6.61 -15.31
CA ALA E 129 8.29 -7.84 -14.66
C ALA E 129 7.36 -8.08 -13.48
N GLN E 130 6.98 -9.33 -13.27
CA GLN E 130 5.96 -9.64 -12.29
C GLN E 130 6.28 -10.90 -11.50
N ARG E 131 5.79 -10.96 -10.27
CA ARG E 131 5.66 -12.21 -9.56
C ARG E 131 4.19 -12.55 -9.37
N LEU E 132 3.84 -13.76 -9.76
CA LEU E 132 2.47 -14.20 -9.82
C LEU E 132 2.32 -15.51 -9.05
N SER E 133 1.35 -15.53 -8.11
CA SER E 133 0.88 -16.79 -7.54
C SER E 133 -0.38 -17.20 -8.26
N PHE E 134 -0.43 -18.43 -8.76
CA PHE E 134 -1.61 -18.89 -9.49
C PHE E 134 -1.96 -20.34 -9.20
N MET E 135 -3.20 -20.70 -9.52
CA MET E 135 -3.73 -22.03 -9.22
C MET E 135 -3.01 -23.10 -10.00
N CYS E 136 -2.35 -24.01 -9.30
CA CYS E 136 -1.55 -25.02 -9.95
C CYS E 136 -1.26 -26.16 -8.99
N ASP E 137 -1.57 -27.38 -9.45
CA ASP E 137 -1.34 -28.58 -8.67
C ASP E 137 0.00 -29.20 -9.09
N PRO E 138 1.00 -29.13 -8.21
CA PRO E 138 2.36 -29.54 -8.56
C PRO E 138 2.63 -31.03 -8.43
N THR E 139 1.59 -31.84 -8.21
CA THR E 139 1.72 -33.29 -8.10
C THR E 139 2.53 -33.89 -9.26
N GLY E 140 3.53 -34.68 -8.92
CA GLY E 140 4.37 -35.29 -9.94
C GLY E 140 5.60 -34.46 -10.29
N VAL E 141 5.73 -33.31 -9.65
CA VAL E 141 6.88 -32.44 -9.89
C VAL E 141 8.17 -33.14 -9.46
N ASP E 142 8.03 -34.19 -8.67
CA ASP E 142 9.19 -34.93 -8.19
C ASP E 142 9.50 -36.13 -9.06
N SER E 143 8.82 -36.23 -10.19
CA SER E 143 9.04 -37.34 -11.11
C SER E 143 9.76 -36.86 -12.37
N GLU E 144 10.16 -37.79 -13.21
CA GLU E 144 10.79 -37.44 -14.48
C GLU E 144 9.79 -36.75 -15.41
N GLU E 145 8.53 -37.16 -15.31
CA GLU E 145 7.48 -36.57 -16.14
C GLU E 145 7.17 -35.11 -15.75
N GLY E 146 7.28 -34.80 -14.47
CA GLY E 146 7.09 -33.45 -13.99
C GLY E 146 5.63 -33.14 -13.75
N ALA E 147 5.32 -31.87 -13.54
CA ALA E 147 3.93 -31.44 -13.42
C ALA E 147 3.60 -30.45 -14.52
N THR E 148 2.31 -30.27 -14.80
CA THR E 148 1.87 -29.34 -15.82
C THR E 148 0.78 -28.41 -15.30
N CYS E 149 1.01 -27.11 -15.41
CA CYS E 149 0.01 -26.12 -15.04
C CYS E 149 -0.15 -25.07 -16.12
N ALA E 150 -1.24 -24.32 -16.02
CA ALA E 150 -1.61 -23.37 -17.04
C ALA E 150 -2.33 -22.18 -16.44
N VAL E 151 -2.18 -21.03 -17.06
CA VAL E 151 -2.89 -19.84 -16.64
C VAL E 151 -3.10 -18.95 -17.85
N LYS E 152 -4.30 -18.39 -17.96
CA LYS E 152 -4.68 -17.53 -19.06
C LYS E 152 -4.36 -16.07 -18.74
N PHE E 153 -3.91 -15.32 -19.75
CA PHE E 153 -3.73 -13.88 -19.65
C PHE E 153 -4.56 -13.14 -20.69
N GLY E 154 -5.39 -12.22 -20.27
CA GLY E 154 -6.09 -11.41 -21.25
C GLY E 154 -6.69 -10.18 -20.63
N SER E 155 -7.21 -9.31 -21.47
CA SER E 155 -7.99 -8.17 -21.02
C SER E 155 -9.08 -8.59 -20.03
N TRP E 156 -9.23 -7.84 -18.95
CA TRP E 156 -10.28 -8.13 -17.98
C TRP E 156 -11.63 -7.63 -18.51
N VAL E 157 -11.67 -6.44 -19.11
CA VAL E 157 -12.94 -5.83 -19.48
C VAL E 157 -13.14 -5.53 -20.97
N TYR E 158 -12.12 -5.71 -21.80
CA TYR E 158 -12.28 -5.43 -23.22
C TYR E 158 -12.47 -6.73 -24.00
N SER E 159 -13.51 -6.79 -24.82
CA SER E 159 -13.77 -7.98 -25.64
C SER E 159 -12.85 -8.08 -26.85
N GLY E 160 -12.93 -9.19 -27.55
CA GLY E 160 -12.18 -9.40 -28.78
C GLY E 160 -12.50 -8.40 -29.88
N PHE E 161 -13.63 -7.70 -29.78
CA PHE E 161 -13.95 -6.63 -30.74
C PHE E 161 -13.23 -5.33 -30.41
N GLU E 162 -12.62 -5.26 -29.22
CA GLU E 162 -11.99 -4.03 -28.76
C GLU E 162 -10.48 -4.21 -28.55
N ILE E 163 -10.11 -5.36 -28.03
CA ILE E 163 -8.71 -5.72 -27.90
C ILE E 163 -8.52 -7.10 -28.45
N ASP E 164 -7.56 -7.25 -29.34
CA ASP E 164 -7.22 -8.58 -29.79
C ASP E 164 -5.79 -8.85 -29.35
N LEU E 165 -5.52 -10.09 -28.95
CA LEU E 165 -4.18 -10.48 -28.55
C LEU E 165 -3.54 -11.34 -29.62
N LYS E 166 -2.23 -11.22 -29.75
CA LYS E 166 -1.48 -12.06 -30.66
C LYS E 166 -0.12 -12.31 -30.05
N THR E 167 0.45 -13.47 -30.36
CA THR E 167 1.84 -13.74 -30.06
C THR E 167 2.65 -13.76 -31.35
N ASP E 168 3.96 -13.56 -31.23
CA ASP E 168 4.87 -13.70 -32.38
C ASP E 168 5.38 -15.12 -32.49
N THR E 169 5.22 -15.87 -31.40
CA THR E 169 5.64 -17.26 -31.34
C THR E 169 4.87 -17.94 -30.22
N ASP E 170 4.71 -19.25 -30.33
CA ASP E 170 4.03 -20.04 -29.32
C ASP E 170 5.01 -20.58 -28.30
N GLN E 171 6.29 -20.29 -28.50
CA GLN E 171 7.33 -20.78 -27.59
C GLN E 171 7.71 -19.70 -26.62
N VAL E 172 7.46 -19.94 -25.35
CA VAL E 172 7.84 -18.99 -24.31
C VAL E 172 9.36 -18.84 -24.34
N ASP E 173 9.85 -17.63 -24.08
CA ASP E 173 11.28 -17.39 -24.10
C ASP E 173 11.92 -17.86 -22.81
N LEU E 174 12.84 -18.82 -22.95
CA LEU E 174 13.43 -19.46 -21.79
C LEU E 174 14.90 -19.12 -21.70
N SER E 175 15.36 -18.20 -22.53
CA SER E 175 16.77 -17.89 -22.59
C SER E 175 17.22 -17.08 -21.38
N SER E 176 16.27 -16.58 -20.59
CA SER E 176 16.63 -15.89 -19.35
C SER E 176 16.26 -16.70 -18.12
N TYR E 177 15.92 -17.97 -18.31
CA TYR E 177 15.46 -18.76 -17.18
C TYR E 177 16.63 -19.01 -16.22
N TYR E 178 16.36 -18.87 -14.92
CA TYR E 178 17.38 -19.03 -13.90
C TYR E 178 17.94 -20.46 -13.89
N ALA E 179 19.24 -20.58 -14.12
CA ALA E 179 19.86 -21.89 -14.32
C ALA E 179 20.00 -22.67 -13.02
N SER E 180 19.90 -22.00 -11.88
CA SER E 180 19.94 -22.71 -10.60
C SER E 180 18.59 -22.68 -9.86
N SER E 181 17.50 -22.54 -10.60
CA SER E 181 16.18 -22.64 -10.00
C SER E 181 15.97 -24.02 -9.39
N LYS E 182 15.12 -24.09 -8.37
CA LYS E 182 14.73 -25.38 -7.82
C LYS E 182 13.96 -26.21 -8.85
N TYR E 183 13.40 -25.55 -9.86
CA TYR E 183 12.64 -26.26 -10.87
C TYR E 183 13.21 -26.05 -12.25
N GLU E 184 13.28 -27.12 -13.04
CA GLU E 184 13.66 -26.95 -14.43
C GLU E 184 12.45 -27.03 -15.33
N ILE E 185 12.49 -26.25 -16.39
CA ILE E 185 11.40 -26.21 -17.35
C ILE E 185 11.57 -27.28 -18.42
N LEU E 186 10.60 -28.17 -18.51
CA LEU E 186 10.54 -29.18 -19.54
C LEU E 186 9.93 -28.61 -20.80
N SER E 187 9.02 -27.65 -20.62
CA SER E 187 8.39 -26.97 -21.75
C SER E 187 7.49 -25.84 -21.27
N ALA E 188 7.32 -24.85 -22.14
CA ALA E 188 6.57 -23.65 -21.82
C ALA E 188 6.08 -23.01 -23.10
N THR E 189 4.76 -22.97 -23.27
CA THR E 189 4.17 -22.37 -24.45
C THR E 189 3.17 -21.26 -24.14
N GLN E 190 2.97 -20.38 -25.10
CA GLN E 190 2.03 -19.28 -24.99
C GLN E 190 1.14 -19.32 -26.23
N THR E 191 -0.15 -19.53 -26.04
CA THR E 191 -1.07 -19.84 -27.12
C THR E 191 -2.34 -19.01 -27.08
N ARG E 192 -2.62 -18.27 -28.14
CA ARG E 192 -3.84 -17.46 -28.22
C ARG E 192 -5.11 -18.30 -28.14
N GLN E 193 -6.09 -17.85 -27.34
CA GLN E 193 -7.39 -18.52 -27.22
C GLN E 193 -8.54 -17.54 -27.30
N VAL E 194 -9.67 -18.02 -27.80
CA VAL E 194 -10.94 -17.29 -27.78
C VAL E 194 -11.82 -17.96 -26.73
N GLN E 195 -12.45 -17.18 -25.84
CA GLN E 195 -13.35 -17.75 -24.84
C GLN E 195 -14.63 -16.95 -24.80
N HIS E 196 -15.68 -17.58 -24.28
CA HIS E 196 -16.91 -16.89 -23.95
C HIS E 196 -17.19 -17.03 -22.47
N TYR E 197 -17.72 -15.97 -21.88
CA TYR E 197 -18.04 -15.95 -20.47
C TYR E 197 -19.50 -15.62 -20.25
N SER E 198 -20.02 -16.11 -19.13
CA SER E 198 -21.44 -16.04 -18.82
C SER E 198 -21.97 -14.60 -18.80
N CYS E 199 -21.14 -13.67 -18.39
CA CYS E 199 -21.54 -12.28 -18.22
C CYS E 199 -21.87 -11.55 -19.52
N CYS E 200 -21.23 -11.95 -20.61
CA CYS E 200 -21.17 -11.11 -21.82
C CYS E 200 -21.29 -11.92 -23.11
N PRO E 201 -21.97 -11.36 -24.13
CA PRO E 201 -22.20 -12.11 -25.37
C PRO E 201 -20.99 -12.10 -26.31
N GLU E 202 -20.04 -11.20 -26.10
CA GLU E 202 -18.90 -11.10 -27.01
C GLU E 202 -17.81 -12.09 -26.62
N PRO E 203 -17.01 -12.51 -27.61
CA PRO E 203 -15.86 -13.35 -27.30
C PRO E 203 -14.74 -12.51 -26.67
N TYR E 204 -13.95 -13.15 -25.82
CA TYR E 204 -12.80 -12.51 -25.19
C TYR E 204 -11.56 -13.29 -25.57
N ILE E 205 -10.43 -12.58 -25.69
CA ILE E 205 -9.19 -13.21 -26.12
C ILE E 205 -8.22 -13.34 -24.96
N ASP E 206 -7.53 -14.49 -24.88
CA ASP E 206 -6.47 -14.63 -23.91
C ASP E 206 -5.28 -15.37 -24.51
N VAL E 207 -4.14 -15.27 -23.85
CA VAL E 207 -2.98 -16.08 -24.18
C VAL E 207 -2.78 -17.07 -23.04
N ASN E 208 -2.85 -18.35 -23.35
CA ASN E 208 -2.70 -19.40 -22.37
C ASN E 208 -1.24 -19.77 -22.16
N LEU E 209 -0.77 -19.60 -20.94
CA LEU E 209 0.59 -19.98 -20.60
C LEU E 209 0.60 -21.37 -19.99
N VAL E 210 1.23 -22.31 -20.68
CA VAL E 210 1.32 -23.69 -20.19
C VAL E 210 2.76 -24.07 -19.90
N VAL E 211 3.04 -24.42 -18.65
CA VAL E 211 4.38 -24.80 -18.26
C VAL E 211 4.42 -26.18 -17.65
N LYS E 212 5.34 -27.03 -18.14
CA LYS E 212 5.61 -28.32 -17.53
C LYS E 212 7.00 -28.26 -16.91
N PHE E 213 7.11 -28.70 -15.66
CA PHE E 213 8.31 -28.47 -14.90
C PHE E 213 8.55 -29.58 -13.88
N ARG E 214 9.75 -29.64 -13.32
CA ARG E 214 10.08 -30.65 -12.33
C ARG E 214 11.26 -30.20 -11.49
N GLU E 215 11.40 -30.83 -10.33
CA GLU E 215 12.42 -30.48 -9.36
C GLU E 215 13.86 -30.60 -9.89
#